data_9FOZ
#
_entry.id   9FOZ
#
_cell.length_a   84.922
_cell.length_b   92.293
_cell.length_c   131.637
_cell.angle_alpha   90
_cell.angle_beta   90
_cell.angle_gamma   90
#
_symmetry.space_group_name_H-M   'P 21 21 21'
#
loop_
_entity.id
_entity.type
_entity.pdbx_description
1 polymer 'Indoleamine 2,3-dioxygenase 1'
2 non-polymer 'PROTOPORPHYRIN IX CONTAINING FE'
3 non-polymer (R)-[1-[2,5-bis(fluoranyl)-4-methoxy-phenyl]-1,2,3-triazol-4-yl]-(6-cyclopropylimidazo[1,5-a]pyrazin-5-yl)methanol
4 non-polymer 'DIMETHYL SULFOXIDE'
5 water water
#
_entity_poly.entity_id   1
_entity_poly.type   'polypeptide(L)'
_entity_poly.pdbx_seq_one_letter_code
;MGSSHHHHHHSAALEVLFQGPHMWTISKEYHIDEEVGFALPNPQENLPDFYNDWMFIAKHLPDLIESGQLRERVEKLNML
SIDHLTDHKSQRLARLVLGCITMAYVWGKGHGDVRKVLPRNIAVPYCQLSKKLELPPILVYADCVLANWKKKDPNKPLTY
ENMDVLFSFRDGDCSKGFFLVSLLVEIAAASAIKVIPTVFKAMQMQERDTLLKALLEIASCLEKALQVFHQIHDHVNPKA
FFSVLRIYLSGWKGNPQLSDGLVYEGFWEDPKEFAGGSAGQSSVFQCFDVLLGIQQTAGGGHAAQFLQDMRRYMPPAHRN
FLCSLESNPSVREFVLSKGDAGLREAYDACVKALVSLRSYHLQIVTKYILIPASQQPKENKTSEDPSKLEAKGTGGTDLM
NFLKTVRSTTEKSLLKEG
;
_entity_poly.pdbx_strand_id   A,B
#
loop_
_chem_comp.id
_chem_comp.type
_chem_comp.name
_chem_comp.formula
A1H93 non-polymer (R)-[1-[2,5-bis(fluoranyl)-4-methoxy-phenyl]-1,2,3-triazol-4-yl]-(6-cyclopropylimidazo[1,5-a]pyrazin-5-yl)methanol 'C19 H16 F2 N6 O2'
DMS non-polymer 'DIMETHYL SULFOXIDE' 'C2 H6 O S'
HEM non-polymer 'PROTOPORPHYRIN IX CONTAINING FE' 'C34 H32 Fe N4 O4'
#
# COMPACT_ATOMS: atom_id res chain seq x y z
N GLN A 19 7.88 -13.84 -17.67
CA GLN A 19 8.75 -14.82 -17.01
C GLN A 19 8.49 -14.93 -15.51
N GLY A 20 8.10 -13.82 -14.88
CA GLY A 20 7.78 -13.84 -13.46
C GLY A 20 8.69 -12.99 -12.59
N PRO A 21 8.30 -12.85 -11.31
CA PRO A 21 9.11 -12.01 -10.39
C PRO A 21 10.40 -12.66 -9.92
N HIS A 22 11.50 -12.48 -10.67
CA HIS A 22 12.78 -13.07 -10.30
C HIS A 22 13.86 -12.01 -10.13
N MET A 23 14.21 -11.71 -8.88
CA MET A 23 15.24 -10.75 -8.51
C MET A 23 16.65 -11.38 -8.63
N TRP A 24 17.04 -11.79 -9.85
CA TRP A 24 18.37 -12.40 -10.11
C TRP A 24 19.49 -11.34 -10.28
N THR A 25 19.10 -10.08 -10.47
CA THR A 25 19.98 -8.92 -10.59
C THR A 25 19.20 -7.71 -10.04
N ILE A 26 19.90 -6.68 -9.56
CA ILE A 26 19.19 -5.45 -9.18
C ILE A 26 19.24 -4.51 -10.38
N SER A 27 18.11 -4.42 -11.09
CA SER A 27 17.94 -3.57 -12.26
C SER A 27 18.27 -2.11 -11.93
N LYS A 28 18.91 -1.40 -12.87
CA LYS A 28 19.24 0.00 -12.72
C LYS A 28 17.97 0.88 -12.58
N GLU A 29 16.81 0.37 -13.03
CA GLU A 29 15.54 1.10 -12.92
C GLU A 29 15.03 1.22 -11.47
N TYR A 30 15.66 0.52 -10.51
CA TYR A 30 15.31 0.65 -9.09
C TYR A 30 16.05 1.84 -8.44
N HIS A 31 17.09 2.40 -9.13
CA HIS A 31 17.83 3.55 -8.61
C HIS A 31 18.48 3.29 -7.26
N ILE A 32 19.16 2.17 -7.17
CA ILE A 32 19.89 1.79 -5.98
C ILE A 32 21.37 1.87 -6.38
N ASP A 33 22.09 2.75 -5.74
CA ASP A 33 23.49 2.98 -6.01
C ASP A 33 24.36 1.90 -5.37
N GLU A 34 25.45 1.53 -6.04
CA GLU A 34 26.37 0.52 -5.53
C GLU A 34 27.04 0.97 -4.24
N GLU A 35 27.30 2.27 -4.11
CA GLU A 35 27.96 2.79 -2.92
C GLU A 35 27.03 3.27 -1.83
N VAL A 36 25.99 4.05 -2.17
CA VAL A 36 25.12 4.63 -1.12
C VAL A 36 23.70 4.05 -1.05
N GLY A 37 23.43 2.97 -1.81
CA GLY A 37 22.14 2.29 -1.78
C GLY A 37 20.98 3.15 -2.19
N PHE A 38 19.97 3.30 -1.31
CA PHE A 38 18.79 4.13 -1.56
C PHE A 38 19.05 5.65 -1.45
N ALA A 39 20.18 6.05 -0.89
CA ALA A 39 20.52 7.48 -0.81
C ALA A 39 20.78 8.01 -2.25
N LEU A 40 20.59 9.32 -2.44
CA LEU A 40 20.79 9.94 -3.74
C LEU A 40 22.31 10.12 -3.89
N PRO A 41 22.93 9.52 -4.92
CA PRO A 41 24.38 9.66 -5.07
C PRO A 41 24.75 11.08 -5.44
N ASN A 42 25.85 11.62 -4.88
N ASN A 42 25.83 11.63 -4.85
CA ASN A 42 26.34 12.98 -5.15
CA ASN A 42 26.34 12.99 -5.10
C ASN A 42 25.24 14.03 -5.37
C ASN A 42 25.25 14.03 -5.36
N PRO A 43 24.43 14.33 -4.33
CA PRO A 43 23.32 15.28 -4.51
C PRO A 43 23.77 16.64 -5.03
N GLN A 44 22.91 17.28 -5.83
CA GLN A 44 23.17 18.61 -6.36
C GLN A 44 23.11 19.59 -5.21
N GLU A 45 24.01 20.58 -5.20
CA GLU A 45 24.09 21.58 -4.14
CA GLU A 45 24.06 21.58 -4.12
C GLU A 45 23.50 22.94 -4.54
N ASN A 46 23.62 23.28 -5.82
CA ASN A 46 23.12 24.57 -6.31
C ASN A 46 22.05 24.39 -7.35
N LEU A 47 21.03 25.25 -7.31
CA LEU A 47 19.99 25.23 -8.33
C LEU A 47 20.39 26.23 -9.45
N PRO A 48 19.77 26.20 -10.66
CA PRO A 48 20.05 27.26 -11.65
C PRO A 48 19.79 28.66 -11.04
N ASP A 49 20.46 29.71 -11.57
CA ASP A 49 20.34 31.09 -11.06
C ASP A 49 18.90 31.59 -10.98
N PHE A 50 18.02 31.08 -11.83
CA PHE A 50 16.61 31.44 -11.88
C PHE A 50 15.94 31.28 -10.48
N TYR A 51 16.44 30.32 -9.69
CA TYR A 51 15.86 29.99 -8.37
C TYR A 51 16.62 30.57 -7.19
N ASN A 52 17.53 31.55 -7.43
CA ASN A 52 18.29 32.18 -6.33
C ASN A 52 17.42 32.65 -5.15
N ASP A 53 16.20 33.16 -5.41
CA ASP A 53 15.33 33.66 -4.35
C ASP A 53 14.89 32.54 -3.41
N TRP A 54 14.70 31.32 -3.95
CA TRP A 54 14.38 30.16 -3.12
C TRP A 54 15.58 29.79 -2.32
N MET A 55 16.76 29.72 -2.97
CA MET A 55 18.00 29.29 -2.34
C MET A 55 18.41 30.18 -1.20
N PHE A 56 18.25 31.52 -1.34
CA PHE A 56 18.61 32.42 -0.24
C PHE A 56 17.76 32.09 0.99
N ILE A 57 16.43 31.93 0.82
CA ILE A 57 15.58 31.61 1.98
C ILE A 57 15.98 30.26 2.62
N ALA A 58 16.05 29.19 1.80
CA ALA A 58 16.40 27.86 2.30
C ALA A 58 17.75 27.80 3.03
N LYS A 59 18.74 28.52 2.52
CA LYS A 59 20.05 28.56 3.15
C LYS A 59 20.13 29.43 4.42
N HIS A 60 19.12 30.26 4.69
CA HIS A 60 19.18 31.16 5.85
C HIS A 60 17.99 30.97 6.79
N LEU A 61 17.43 29.73 6.86
CA LEU A 61 16.28 29.49 7.75
C LEU A 61 16.60 29.82 9.22
N PRO A 62 17.78 29.44 9.78
CA PRO A 62 18.05 29.82 11.18
C PRO A 62 17.90 31.33 11.46
N ASP A 63 18.46 32.20 10.59
CA ASP A 63 18.44 33.65 10.80
C ASP A 63 17.09 34.22 10.51
N LEU A 64 16.45 33.77 9.41
CA LEU A 64 15.15 34.32 9.04
C LEU A 64 14.04 33.92 10.02
N ILE A 65 14.10 32.70 10.57
CA ILE A 65 13.11 32.25 11.55
C ILE A 65 13.31 33.05 12.85
N GLU A 66 14.55 33.06 13.37
CA GLU A 66 14.86 33.72 14.64
C GLU A 66 14.50 35.20 14.63
N SER A 67 14.70 35.86 13.50
CA SER A 67 14.38 37.29 13.36
C SER A 67 12.92 37.60 13.07
N GLY A 68 12.09 36.60 12.80
CA GLY A 68 10.68 36.82 12.48
C GLY A 68 10.47 37.34 11.06
N GLN A 69 11.49 37.20 10.18
CA GLN A 69 11.38 37.70 8.80
C GLN A 69 11.04 36.60 7.80
N LEU A 70 11.11 35.32 8.20
CA LEU A 70 10.91 34.21 7.27
C LEU A 70 9.58 34.30 6.49
N ARG A 71 8.46 34.43 7.21
CA ARG A 71 7.16 34.43 6.56
C ARG A 71 7.02 35.57 5.54
N GLU A 72 7.51 36.78 5.88
CA GLU A 72 7.46 37.94 5.00
C GLU A 72 8.31 37.70 3.77
N ARG A 73 9.51 37.11 3.92
CA ARG A 73 10.37 36.84 2.76
C ARG A 73 9.70 35.81 1.82
N VAL A 74 9.01 34.83 2.42
CA VAL A 74 8.32 33.81 1.62
C VAL A 74 7.15 34.47 0.87
N GLU A 75 6.40 35.32 1.57
CA GLU A 75 5.25 36.02 0.97
C GLU A 75 5.64 37.02 -0.12
N LYS A 76 6.92 37.50 -0.11
CA LYS A 76 7.41 38.41 -1.14
C LYS A 76 7.87 37.68 -2.42
N LEU A 77 8.07 36.34 -2.36
CA LEU A 77 8.51 35.62 -3.55
C LEU A 77 7.55 35.78 -4.74
N ASN A 78 8.10 35.81 -5.95
CA ASN A 78 7.30 35.71 -7.15
C ASN A 78 7.10 34.19 -7.42
N MET A 79 6.05 33.78 -8.15
CA MET A 79 5.85 32.37 -8.46
C MET A 79 6.85 32.00 -9.54
N LEU A 80 7.75 31.08 -9.23
CA LEU A 80 8.75 30.64 -10.17
C LEU A 80 8.34 29.32 -10.79
N SER A 81 8.39 29.26 -12.14
CA SER A 81 8.06 28.05 -12.87
C SER A 81 9.06 26.93 -12.58
N ILE A 82 8.60 25.67 -12.56
CA ILE A 82 9.52 24.53 -12.36
C ILE A 82 10.15 24.04 -13.65
N ASP A 83 9.83 24.63 -14.82
CA ASP A 83 10.33 24.18 -16.12
C ASP A 83 11.84 24.22 -16.29
N HIS A 84 12.53 25.06 -15.49
CA HIS A 84 13.99 25.18 -15.52
C HIS A 84 14.72 24.12 -14.65
N LEU A 85 13.99 23.19 -14.02
CA LEU A 85 14.59 22.07 -13.26
C LEU A 85 14.48 20.86 -14.24
N THR A 86 15.52 20.66 -15.03
CA THR A 86 15.53 19.74 -16.17
C THR A 86 16.08 18.34 -15.95
N ASP A 87 16.61 18.05 -14.77
CA ASP A 87 17.13 16.71 -14.48
C ASP A 87 16.68 16.27 -13.08
N HIS A 88 16.74 14.98 -12.80
CA HIS A 88 16.33 14.39 -11.53
C HIS A 88 16.99 15.06 -10.31
N LYS A 89 18.33 15.23 -10.31
CA LYS A 89 19.02 15.79 -9.16
C LYS A 89 18.61 17.24 -8.85
N SER A 90 18.36 18.06 -9.90
CA SER A 90 17.92 19.44 -9.65
C SER A 90 16.47 19.42 -9.11
N GLN A 91 15.63 18.49 -9.57
CA GLN A 91 14.25 18.39 -9.07
C GLN A 91 14.26 17.89 -7.58
N ARG A 92 15.16 16.99 -7.23
CA ARG A 92 15.29 16.48 -5.84
C ARG A 92 15.83 17.62 -4.93
N LEU A 93 16.78 18.42 -5.42
CA LEU A 93 17.31 19.55 -4.64
C LEU A 93 16.21 20.57 -4.44
N ALA A 94 15.40 20.84 -5.50
CA ALA A 94 14.34 21.82 -5.37
C ALA A 94 13.27 21.32 -4.39
N ARG A 95 13.00 20.01 -4.34
CA ARG A 95 12.04 19.46 -3.36
C ARG A 95 12.56 19.69 -1.96
N LEU A 96 13.85 19.49 -1.75
CA LEU A 96 14.44 19.65 -0.41
C LEU A 96 14.39 21.16 -0.01
N VAL A 97 14.71 22.08 -0.95
CA VAL A 97 14.64 23.53 -0.74
C VAL A 97 13.20 23.92 -0.39
N LEU A 98 12.21 23.55 -1.24
CA LEU A 98 10.82 23.95 -1.00
C LEU A 98 10.25 23.30 0.26
N GLY A 99 10.64 22.06 0.52
CA GLY A 99 10.15 21.33 1.70
C GLY A 99 10.66 21.96 2.97
N CYS A 100 11.95 22.35 3.03
CA CYS A 100 12.51 23.03 4.22
C CYS A 100 11.84 24.39 4.44
N ILE A 101 11.61 25.12 3.34
CA ILE A 101 10.95 26.44 3.44
C ILE A 101 9.52 26.23 3.95
N THR A 102 8.82 25.18 3.46
CA THR A 102 7.44 24.93 3.90
C THR A 102 7.37 24.64 5.39
N MET A 103 8.29 23.81 5.92
CA MET A 103 8.30 23.50 7.36
CA MET A 103 8.28 23.50 7.37
C MET A 103 8.52 24.79 8.17
N ALA A 104 9.46 25.61 7.74
CA ALA A 104 9.79 26.86 8.43
C ALA A 104 8.60 27.82 8.37
N TYR A 105 7.91 27.88 7.21
CA TYR A 105 6.77 28.76 7.03
C TYR A 105 5.59 28.31 7.92
N VAL A 106 5.27 27.02 7.90
CA VAL A 106 4.15 26.52 8.68
C VAL A 106 4.39 26.65 10.19
N TRP A 107 5.56 26.21 10.68
CA TRP A 107 5.80 26.19 12.11
C TRP A 107 6.38 27.50 12.71
N GLY A 108 7.07 28.29 11.88
CA GLY A 108 7.69 29.55 12.34
C GLY A 108 8.72 29.27 13.41
N LYS A 109 8.66 29.99 14.54
CA LYS A 109 9.56 29.74 15.69
C LYS A 109 9.16 28.51 16.52
N GLY A 110 8.05 27.86 16.19
CA GLY A 110 7.60 26.65 16.85
C GLY A 110 6.93 26.85 18.19
N HIS A 111 6.28 28.00 18.41
CA HIS A 111 5.66 28.25 19.71
C HIS A 111 4.18 28.52 19.62
N GLY A 112 3.49 27.78 18.77
CA GLY A 112 2.04 27.87 18.66
C GLY A 112 1.48 28.77 17.57
N ASP A 113 2.28 29.68 17.00
CA ASP A 113 1.76 30.56 15.95
C ASP A 113 2.02 29.87 14.61
N VAL A 114 1.04 29.09 14.16
CA VAL A 114 1.16 28.28 12.95
C VAL A 114 0.43 28.87 11.74
N ARG A 115 1.00 28.73 10.55
CA ARG A 115 0.32 29.17 9.34
CA ARG A 115 0.33 29.17 9.33
C ARG A 115 -0.38 27.95 8.74
N LYS A 116 -1.69 28.08 8.48
CA LYS A 116 -2.52 27.04 7.92
C LYS A 116 -2.70 27.15 6.39
N VAL A 117 -2.13 28.15 5.77
CA VAL A 117 -2.22 28.35 4.33
C VAL A 117 -0.82 28.56 3.81
N LEU A 118 -0.39 27.72 2.86
CA LEU A 118 0.93 27.86 2.25
C LEU A 118 0.71 28.76 1.01
N PRO A 119 1.38 29.93 0.92
CA PRO A 119 1.16 30.83 -0.23
C PRO A 119 1.37 30.20 -1.57
N ARG A 120 0.52 30.59 -2.56
CA ARG A 120 0.58 30.05 -3.90
C ARG A 120 1.95 30.15 -4.55
N ASN A 121 2.72 31.20 -4.25
CA ASN A 121 4.05 31.37 -4.88
C ASN A 121 4.97 30.20 -4.62
N ILE A 122 4.81 29.52 -3.45
CA ILE A 122 5.59 28.30 -3.18
C ILE A 122 4.73 27.02 -3.31
N ALA A 123 3.45 27.04 -2.88
CA ALA A 123 2.60 25.87 -2.96
C ALA A 123 2.44 25.33 -4.34
N VAL A 124 2.23 26.23 -5.33
CA VAL A 124 2.05 25.76 -6.70
C VAL A 124 3.30 25.07 -7.26
N PRO A 125 4.52 25.68 -7.30
CA PRO A 125 5.68 24.94 -7.81
C PRO A 125 6.02 23.70 -6.97
N TYR A 126 5.79 23.77 -5.65
CA TYR A 126 6.08 22.64 -4.78
C TYR A 126 5.17 21.45 -5.14
N CYS A 127 3.86 21.70 -5.28
CA CYS A 127 2.94 20.65 -5.64
C CYS A 127 3.20 20.13 -7.03
N GLN A 128 3.57 21.03 -7.99
CA GLN A 128 3.84 20.58 -9.36
C GLN A 128 5.04 19.64 -9.38
N LEU A 129 6.10 20.03 -8.69
CA LEU A 129 7.32 19.24 -8.62
C LEU A 129 7.06 17.90 -7.86
N SER A 130 6.29 17.97 -6.78
CA SER A 130 5.94 16.77 -5.99
C SER A 130 5.12 15.79 -6.87
N LYS A 131 4.16 16.30 -7.67
CA LYS A 131 3.38 15.46 -8.56
C LYS A 131 4.28 14.76 -9.58
N LYS A 132 5.22 15.50 -10.14
CA LYS A 132 6.20 15.02 -11.10
C LYS A 132 7.06 13.85 -10.54
N LEU A 133 7.54 14.02 -9.31
CA LEU A 133 8.36 12.99 -8.67
C LEU A 133 7.57 11.91 -7.92
N GLU A 134 6.21 11.98 -7.95
CA GLU A 134 5.29 11.05 -7.26
C GLU A 134 5.56 10.97 -5.77
N LEU A 135 5.78 12.12 -5.17
CA LEU A 135 6.03 12.23 -3.75
C LEU A 135 5.07 13.30 -3.21
N PRO A 136 4.66 13.18 -1.96
CA PRO A 136 3.76 14.17 -1.40
C PRO A 136 4.46 15.53 -1.17
N PRO A 137 3.66 16.63 -1.18
CA PRO A 137 4.21 17.97 -0.95
C PRO A 137 4.47 18.26 0.53
N ILE A 138 5.38 17.49 1.10
CA ILE A 138 5.83 17.65 2.46
C ILE A 138 7.26 17.04 2.49
N LEU A 139 8.12 17.56 3.36
CA LEU A 139 9.46 17.02 3.52
C LEU A 139 9.39 15.52 3.93
N VAL A 140 10.07 14.66 3.14
CA VAL A 140 10.14 13.23 3.44
C VAL A 140 11.58 12.85 3.77
N TYR A 141 11.78 11.65 4.34
CA TYR A 141 13.10 11.07 4.64
C TYR A 141 14.03 11.13 3.39
N ALA A 142 13.50 10.83 2.20
CA ALA A 142 14.31 10.94 0.94
C ALA A 142 14.80 12.36 0.64
N ASP A 143 14.12 13.39 1.17
CA ASP A 143 14.59 14.75 1.02
C ASP A 143 15.64 15.06 2.09
N CYS A 144 15.24 15.10 3.37
CA CYS A 144 16.10 15.66 4.40
C CYS A 144 17.19 14.73 4.89
N VAL A 145 17.19 13.46 4.48
CA VAL A 145 18.29 12.56 4.81
C VAL A 145 19.00 12.14 3.51
N LEU A 146 18.26 11.47 2.61
CA LEU A 146 18.89 10.89 1.42
C LEU A 146 19.43 11.87 0.37
N ALA A 147 18.91 13.10 0.26
CA ALA A 147 19.38 14.07 -0.75
C ALA A 147 20.02 15.34 -0.08
N ASN A 148 20.11 15.36 1.25
CA ASN A 148 20.52 16.54 2.01
C ASN A 148 21.96 16.37 2.52
N TRP A 149 22.88 16.09 1.59
CA TRP A 149 24.25 15.84 2.01
C TRP A 149 25.24 16.16 0.89
N LYS A 150 26.52 16.29 1.28
CA LYS A 150 27.62 16.52 0.38
C LYS A 150 28.91 15.99 1.00
N LYS A 151 29.89 15.73 0.16
CA LYS A 151 31.24 15.43 0.63
C LYS A 151 31.94 16.80 0.68
N LYS A 152 32.72 17.05 1.72
CA LYS A 152 33.52 18.27 1.82
C LYS A 152 34.67 18.15 0.77
N ASP A 153 35.29 16.98 0.69
CA ASP A 153 36.36 16.67 -0.25
C ASP A 153 35.97 15.40 -1.04
N PRO A 154 35.71 15.57 -2.35
CA PRO A 154 35.30 14.42 -3.19
C PRO A 154 36.31 13.27 -3.27
N ASN A 155 37.59 13.56 -3.01
CA ASN A 155 38.64 12.53 -3.07
C ASN A 155 38.79 11.74 -1.75
N LYS A 156 38.00 12.09 -0.73
CA LYS A 156 38.02 11.40 0.56
C LYS A 156 36.73 10.57 0.77
N PRO A 157 36.79 9.51 1.61
CA PRO A 157 35.61 8.63 1.78
C PRO A 157 34.36 9.24 2.46
N LEU A 158 33.28 8.45 2.47
CA LEU A 158 32.02 8.84 3.09
C LEU A 158 32.09 8.61 4.60
N THR A 159 32.72 9.53 5.31
CA THR A 159 32.78 9.48 6.78
C THR A 159 32.15 10.78 7.29
N TYR A 160 31.73 10.81 8.55
CA TYR A 160 31.16 12.02 9.16
C TYR A 160 32.06 13.25 8.99
N GLU A 161 33.38 13.06 9.21
CA GLU A 161 34.37 14.14 9.09
C GLU A 161 34.43 14.76 7.71
N ASN A 162 34.19 13.95 6.69
CA ASN A 162 34.23 14.44 5.32
C ASN A 162 32.83 14.75 4.79
N MET A 163 31.82 14.92 5.66
CA MET A 163 30.45 15.17 5.17
C MET A 163 29.77 16.35 5.81
N ASP A 164 28.75 16.88 5.16
CA ASP A 164 27.90 17.93 5.73
C ASP A 164 26.50 17.86 5.15
N VAL A 165 25.53 18.47 5.82
CA VAL A 165 24.17 18.55 5.30
C VAL A 165 24.08 19.82 4.45
N LEU A 166 23.07 19.90 3.58
CA LEU A 166 22.87 21.07 2.78
C LEU A 166 22.04 22.12 3.53
N PHE A 167 21.00 21.69 4.30
CA PHE A 167 20.11 22.63 5.00
C PHE A 167 19.80 22.25 6.43
N SER A 168 19.68 23.27 7.29
CA SER A 168 19.30 23.14 8.69
C SER A 168 18.12 24.08 8.97
N PHE A 169 17.40 23.90 10.10
CA PHE A 169 16.28 24.77 10.41
C PHE A 169 16.66 25.91 11.38
N ARG A 170 17.35 25.61 12.47
CA ARG A 170 17.72 26.59 13.50
C ARG A 170 19.12 26.33 13.96
N ASP A 171 19.80 27.39 14.46
CA ASP A 171 21.15 27.15 14.97
CA ASP A 171 21.12 27.33 15.06
C ASP A 171 21.08 26.34 16.24
N GLY A 172 21.99 25.36 16.32
CA GLY A 172 22.00 24.44 17.45
C GLY A 172 20.91 23.38 17.42
N ASP A 173 20.26 23.16 16.26
CA ASP A 173 19.18 22.15 16.16
C ASP A 173 19.72 20.71 16.05
N CYS A 174 21.05 20.51 15.85
CA CYS A 174 21.60 19.15 15.68
C CYS A 174 21.08 18.44 14.43
N SER A 175 20.58 19.21 13.42
CA SER A 175 20.09 18.62 12.19
C SER A 175 21.24 17.97 11.44
N LYS A 176 22.47 18.53 11.49
CA LYS A 176 23.59 17.89 10.80
C LYS A 176 23.86 16.50 11.39
N GLY A 177 23.98 16.41 12.73
CA GLY A 177 24.23 15.13 13.37
C GLY A 177 23.12 14.11 13.14
N PHE A 178 21.86 14.54 13.31
CA PHE A 178 20.72 13.63 13.17
C PHE A 178 20.57 13.11 11.74
N PHE A 179 20.56 14.03 10.76
CA PHE A 179 20.43 13.63 9.36
C PHE A 179 21.63 12.79 8.89
N LEU A 180 22.86 13.25 9.21
CA LEU A 180 24.06 12.56 8.77
C LEU A 180 24.28 11.18 9.40
N VAL A 181 23.98 10.97 10.70
CA VAL A 181 24.15 9.66 11.32
C VAL A 181 23.08 8.69 10.77
N SER A 182 21.85 9.20 10.50
CA SER A 182 20.79 8.42 9.86
C SER A 182 21.29 8.00 8.47
N LEU A 183 21.88 8.94 7.70
CA LEU A 183 22.41 8.67 6.38
C LEU A 183 23.54 7.63 6.46
N LEU A 184 24.48 7.80 7.40
CA LEU A 184 25.60 6.84 7.53
C LEU A 184 25.14 5.42 7.84
N VAL A 185 24.13 5.24 8.75
CA VAL A 185 23.58 3.95 9.07
C VAL A 185 22.89 3.37 7.83
N GLU A 186 22.10 4.21 7.14
CA GLU A 186 21.39 3.86 5.92
C GLU A 186 22.40 3.32 4.85
N ILE A 187 23.53 4.00 4.69
CA ILE A 187 24.57 3.58 3.75
C ILE A 187 25.24 2.28 4.20
N ALA A 188 25.53 2.12 5.51
CA ALA A 188 26.14 0.90 6.01
C ALA A 188 25.23 -0.32 5.76
N ALA A 189 23.92 -0.17 6.02
CA ALA A 189 22.99 -1.28 5.78
C ALA A 189 22.88 -1.62 4.29
N ALA A 190 22.97 -0.59 3.44
CA ALA A 190 22.91 -0.73 1.98
C ALA A 190 24.01 -1.62 1.43
N SER A 191 25.14 -1.79 2.13
CA SER A 191 26.21 -2.68 1.61
C SER A 191 25.72 -4.14 1.47
N ALA A 192 24.63 -4.53 2.17
CA ALA A 192 24.03 -5.84 2.09
C ALA A 192 23.07 -5.99 0.89
N ILE A 193 22.63 -4.88 0.27
CA ILE A 193 21.67 -4.96 -0.84
C ILE A 193 22.20 -5.77 -2.00
N LYS A 194 23.48 -5.56 -2.34
CA LYS A 194 24.12 -6.29 -3.45
C LYS A 194 24.10 -7.82 -3.25
N VAL A 195 23.90 -8.29 -2.01
CA VAL A 195 23.84 -9.71 -1.67
C VAL A 195 22.44 -10.31 -1.97
N ILE A 196 21.39 -9.47 -2.06
CA ILE A 196 20.05 -9.95 -2.34
C ILE A 196 19.96 -10.82 -3.60
N PRO A 197 20.54 -10.44 -4.78
CA PRO A 197 20.43 -11.33 -5.95
C PRO A 197 21.12 -12.66 -5.73
N THR A 198 22.19 -12.69 -4.92
CA THR A 198 22.90 -13.91 -4.58
C THR A 198 22.00 -14.83 -3.77
N VAL A 199 21.21 -14.26 -2.83
CA VAL A 199 20.24 -15.01 -2.03
C VAL A 199 19.20 -15.69 -2.90
N PHE A 200 18.49 -14.93 -3.76
CA PHE A 200 17.45 -15.50 -4.62
C PHE A 200 17.96 -16.51 -5.63
N LYS A 201 19.15 -16.27 -6.16
CA LYS A 201 19.78 -17.14 -7.13
C LYS A 201 20.19 -18.44 -6.45
N ALA A 202 20.80 -18.35 -5.25
CA ALA A 202 21.17 -19.56 -4.50
C ALA A 202 19.95 -20.41 -4.16
N MET A 203 18.80 -19.78 -3.83
CA MET A 203 17.59 -20.54 -3.55
C MET A 203 17.06 -21.26 -4.81
N GLN A 204 16.98 -20.54 -5.94
CA GLN A 204 16.47 -21.09 -7.20
C GLN A 204 17.34 -22.25 -7.69
N MET A 205 18.67 -22.07 -7.64
CA MET A 205 19.64 -23.08 -8.04
C MET A 205 19.94 -24.13 -6.96
N GLN A 206 19.24 -24.07 -5.80
CA GLN A 206 19.45 -24.96 -4.66
C GLN A 206 20.95 -25.05 -4.28
N GLU A 207 21.59 -23.89 -4.10
CA GLU A 207 22.98 -23.81 -3.72
C GLU A 207 23.06 -23.47 -2.24
N ARG A 208 23.05 -24.51 -1.39
CA ARG A 208 23.04 -24.35 0.06
C ARG A 208 24.24 -23.57 0.63
N ASP A 209 25.46 -23.91 0.19
CA ASP A 209 26.64 -23.26 0.72
C ASP A 209 26.69 -21.78 0.33
N THR A 210 26.28 -21.46 -0.92
CA THR A 210 26.23 -20.09 -1.42
C THR A 210 25.22 -19.26 -0.63
N LEU A 211 24.04 -19.85 -0.35
CA LEU A 211 23.00 -19.20 0.43
C LEU A 211 23.47 -18.91 1.85
N LEU A 212 24.13 -19.87 2.47
CA LEU A 212 24.60 -19.71 3.85
C LEU A 212 25.63 -18.57 3.92
N LYS A 213 26.56 -18.55 2.96
CA LYS A 213 27.60 -17.54 2.91
C LYS A 213 26.96 -16.13 2.69
N ALA A 214 25.97 -16.04 1.81
CA ALA A 214 25.26 -14.79 1.51
C ALA A 214 24.55 -14.26 2.77
N LEU A 215 23.80 -15.14 3.52
CA LEU A 215 23.14 -14.75 4.75
C LEU A 215 24.14 -14.23 5.81
N LEU A 216 25.31 -14.89 5.96
CA LEU A 216 26.33 -14.40 6.90
C LEU A 216 26.89 -13.03 6.49
N GLU A 217 26.98 -12.77 5.19
CA GLU A 217 27.48 -11.51 4.69
C GLU A 217 26.46 -10.39 4.99
N ILE A 218 25.16 -10.69 4.86
CA ILE A 218 24.08 -9.74 5.17
C ILE A 218 24.13 -9.44 6.66
N ALA A 219 24.25 -10.48 7.50
CA ALA A 219 24.36 -10.31 8.94
C ALA A 219 25.56 -9.40 9.30
N SER A 220 26.72 -9.62 8.66
CA SER A 220 27.92 -8.82 8.88
C SER A 220 27.65 -7.33 8.58
N CYS A 221 26.94 -7.04 7.49
CA CYS A 221 26.61 -5.68 7.10
C CYS A 221 25.73 -5.01 8.14
N LEU A 222 24.68 -5.71 8.58
CA LEU A 222 23.76 -5.21 9.59
C LEU A 222 24.43 -5.02 10.95
N GLU A 223 25.43 -5.89 11.27
CA GLU A 223 26.23 -5.76 12.49
C GLU A 223 27.10 -4.49 12.39
N LYS A 224 27.70 -4.22 11.21
CA LYS A 224 28.49 -3.00 11.01
C LYS A 224 27.58 -1.76 11.12
N ALA A 225 26.33 -1.82 10.63
CA ALA A 225 25.41 -0.67 10.74
C ALA A 225 25.17 -0.25 12.22
N LEU A 226 25.15 -1.22 13.14
CA LEU A 226 24.97 -0.92 14.57
C LEU A 226 26.17 -0.13 15.12
N GLN A 227 27.38 -0.48 14.70
CA GLN A 227 28.58 0.26 15.14
C GLN A 227 28.52 1.70 14.64
N VAL A 228 28.05 1.90 13.39
CA VAL A 228 27.90 3.23 12.79
C VAL A 228 26.91 4.08 13.61
N PHE A 229 25.83 3.46 14.11
CA PHE A 229 24.82 4.11 14.96
C PHE A 229 25.41 4.77 16.22
N HIS A 230 26.44 4.17 16.82
CA HIS A 230 27.03 4.69 18.06
C HIS A 230 27.46 6.16 17.96
N GLN A 231 27.80 6.66 16.75
CA GLN A 231 28.17 8.05 16.52
C GLN A 231 27.09 9.05 16.87
N ILE A 232 25.80 8.62 17.00
CA ILE A 232 24.72 9.55 17.35
C ILE A 232 25.02 10.40 18.58
N HIS A 233 25.66 9.80 19.63
CA HIS A 233 25.89 10.50 20.90
C HIS A 233 26.81 11.70 20.77
N ASP A 234 27.80 11.63 19.88
CA ASP A 234 28.76 12.72 19.69
C ASP A 234 28.19 13.91 18.89
N HIS A 235 27.07 13.71 18.14
CA HIS A 235 26.60 14.74 17.25
C HIS A 235 25.18 15.25 17.49
N VAL A 236 24.47 14.70 18.47
CA VAL A 236 23.12 15.16 18.79
C VAL A 236 23.00 15.25 20.29
N ASN A 237 22.42 16.33 20.81
CA ASN A 237 22.15 16.41 22.24
C ASN A 237 20.66 16.38 22.49
N PRO A 238 20.21 15.71 23.56
CA PRO A 238 18.78 15.56 23.80
C PRO A 238 17.98 16.85 23.92
N LYS A 239 18.52 17.85 24.65
CA LYS A 239 17.77 19.11 24.82
C LYS A 239 17.51 19.80 23.48
N ALA A 240 18.52 19.93 22.64
CA ALA A 240 18.36 20.57 21.34
C ALA A 240 17.44 19.73 20.43
N PHE A 241 17.63 18.39 20.39
CA PHE A 241 16.80 17.54 19.53
C PHE A 241 15.31 17.69 19.87
N PHE A 242 14.98 17.52 21.14
CA PHE A 242 13.59 17.55 21.58
C PHE A 242 12.98 18.96 21.60
N SER A 243 13.70 19.97 22.11
CA SER A 243 13.09 21.31 22.19
C SER A 243 13.19 22.12 20.87
N VAL A 244 14.16 21.83 20.01
CA VAL A 244 14.36 22.61 18.78
C VAL A 244 14.01 21.81 17.52
N LEU A 245 14.79 20.75 17.17
CA LEU A 245 14.58 20.02 15.93
C LEU A 245 13.20 19.40 15.76
N ARG A 246 12.66 18.81 16.83
CA ARG A 246 11.37 18.14 16.85
C ARG A 246 10.25 18.95 16.13
N ILE A 247 10.17 20.25 16.40
CA ILE A 247 9.18 21.14 15.80
C ILE A 247 9.12 21.01 14.26
N TYR A 248 10.29 21.06 13.62
CA TYR A 248 10.39 21.07 12.17
C TYR A 248 10.26 19.68 11.51
N LEU A 249 10.29 18.61 12.33
CA LEU A 249 10.08 17.24 11.82
C LEU A 249 8.55 16.95 11.75
N SER A 250 7.69 17.75 12.42
CA SER A 250 6.25 17.49 12.50
C SER A 250 5.51 17.72 11.21
N GLY A 251 4.54 16.86 10.92
CA GLY A 251 3.71 17.04 9.73
C GLY A 251 2.31 17.49 10.12
N TRP A 252 1.37 17.26 9.20
CA TRP A 252 0.00 17.71 9.42
C TRP A 252 -0.97 16.57 9.07
N LYS A 253 -0.88 15.45 9.78
CA LYS A 253 -1.82 14.34 9.61
C LYS A 253 -2.10 13.88 11.03
N GLY A 254 -3.31 14.10 11.51
CA GLY A 254 -3.66 13.78 12.90
C GLY A 254 -2.98 14.75 13.85
N ASN A 255 -2.63 15.97 13.37
CA ASN A 255 -1.96 16.95 14.21
C ASN A 255 -2.98 17.94 14.73
N PRO A 256 -3.17 18.03 16.06
CA PRO A 256 -4.17 18.98 16.60
C PRO A 256 -3.86 20.46 16.27
N GLN A 257 -2.60 20.79 15.96
CA GLN A 257 -2.25 22.17 15.58
C GLN A 257 -2.72 22.52 14.16
N LEU A 258 -2.96 21.52 13.29
CA LEU A 258 -3.47 21.69 11.93
C LEU A 258 -4.41 20.51 11.68
N SER A 259 -5.51 20.43 12.47
CA SER A 259 -6.45 19.31 12.42
C SER A 259 -7.04 18.98 11.05
N ASP A 260 -7.14 19.94 10.12
CA ASP A 260 -7.66 19.63 8.77
C ASP A 260 -6.56 19.48 7.70
N GLY A 261 -5.32 19.72 8.08
CA GLY A 261 -4.22 19.70 7.13
C GLY A 261 -3.84 21.09 6.70
N LEU A 262 -3.11 21.17 5.60
CA LEU A 262 -2.59 22.43 5.12
C LEU A 262 -3.23 22.82 3.80
N VAL A 263 -3.54 24.11 3.62
CA VAL A 263 -4.05 24.57 2.34
C VAL A 263 -2.87 24.87 1.42
N TYR A 264 -2.80 24.18 0.27
CA TYR A 264 -1.76 24.45 -0.74
C TYR A 264 -2.42 25.41 -1.72
N GLU A 265 -2.35 26.70 -1.41
CA GLU A 265 -3.06 27.75 -2.14
C GLU A 265 -2.77 27.75 -3.60
N GLY A 266 -3.83 27.78 -4.42
CA GLY A 266 -3.64 27.75 -5.87
C GLY A 266 -3.50 26.35 -6.46
N PHE A 267 -3.38 25.31 -5.61
CA PHE A 267 -3.23 23.95 -6.16
C PHE A 267 -4.43 23.11 -5.83
N TRP A 268 -4.82 23.03 -4.56
CA TRP A 268 -5.99 22.25 -4.16
C TRP A 268 -6.95 23.15 -3.43
N GLU A 269 -8.25 22.87 -3.61
CA GLU A 269 -9.37 23.58 -3.01
C GLU A 269 -9.41 23.37 -1.49
N ASP A 270 -9.35 22.12 -1.04
CA ASP A 270 -9.47 21.79 0.39
C ASP A 270 -8.09 21.60 1.06
N PRO A 271 -7.98 21.77 2.38
CA PRO A 271 -6.69 21.46 3.05
C PRO A 271 -6.41 19.96 2.94
N LYS A 272 -5.13 19.59 2.84
CA LYS A 272 -4.72 18.20 2.69
C LYS A 272 -3.81 17.79 3.85
N GLU A 273 -3.95 16.55 4.30
CA GLU A 273 -3.13 16.05 5.39
C GLU A 273 -2.02 15.17 4.85
N PHE A 274 -0.80 15.38 5.33
CA PHE A 274 0.33 14.53 4.98
C PHE A 274 1.13 14.28 6.28
N ALA A 275 1.61 13.04 6.44
CA ALA A 275 2.39 12.70 7.65
C ALA A 275 3.79 13.37 7.52
N GLY A 276 4.40 13.69 8.65
CA GLY A 276 5.73 14.28 8.69
C GLY A 276 6.78 13.24 8.32
N GLY A 277 8.01 13.71 8.03
CA GLY A 277 9.07 12.79 7.60
C GLY A 277 9.33 11.73 8.65
N SER A 278 9.63 10.50 8.24
CA SER A 278 9.84 9.43 9.19
C SER A 278 10.87 8.44 8.69
N ALA A 279 11.68 7.83 9.62
CA ALA A 279 12.57 6.77 9.17
C ALA A 279 11.76 5.49 8.86
N GLY A 280 10.44 5.46 9.14
CA GLY A 280 9.57 4.42 8.60
C GLY A 280 9.53 4.50 7.07
N GLN A 281 10.00 5.62 6.49
CA GLN A 281 10.14 5.81 5.03
C GLN A 281 11.50 5.28 4.53
N SER A 282 12.38 4.80 5.42
CA SER A 282 13.66 4.24 4.97
C SER A 282 13.36 2.92 4.25
N SER A 283 13.79 2.82 3.00
CA SER A 283 13.58 1.61 2.21
C SER A 283 14.57 0.51 2.61
N VAL A 284 15.75 0.85 3.16
CA VAL A 284 16.74 -0.20 3.47
C VAL A 284 16.27 -1.07 4.65
N PHE A 285 15.66 -0.46 5.67
CA PHE A 285 15.15 -1.26 6.81
C PHE A 285 13.91 -2.03 6.40
N GLN A 286 12.99 -1.43 5.60
CA GLN A 286 11.82 -2.20 5.14
C GLN A 286 12.28 -3.36 4.23
N CYS A 287 13.35 -3.13 3.45
CA CYS A 287 13.94 -4.10 2.54
C CYS A 287 14.38 -5.40 3.24
N PHE A 288 15.14 -5.28 4.32
CA PHE A 288 15.61 -6.47 5.03
C PHE A 288 14.48 -7.14 5.81
N ASP A 289 13.45 -6.39 6.28
CA ASP A 289 12.29 -7.05 6.92
C ASP A 289 11.55 -7.88 5.87
N VAL A 290 11.39 -7.35 4.63
CA VAL A 290 10.71 -8.10 3.56
C VAL A 290 11.55 -9.34 3.19
N LEU A 291 12.85 -9.14 2.94
CA LEU A 291 13.75 -10.20 2.55
C LEU A 291 13.72 -11.38 3.54
N LEU A 292 13.77 -11.08 4.84
CA LEU A 292 13.80 -12.12 5.87
C LEU A 292 12.41 -12.62 6.31
N GLY A 293 11.34 -12.18 5.66
CA GLY A 293 10.00 -12.64 6.00
C GLY A 293 9.50 -12.19 7.35
N ILE A 294 10.05 -11.08 7.87
CA ILE A 294 9.62 -10.46 9.09
C ILE A 294 8.44 -9.67 8.57
N GLN A 295 7.23 -10.20 8.74
CA GLN A 295 6.04 -9.59 8.15
CA GLN A 295 6.04 -9.59 8.15
C GLN A 295 5.59 -8.34 8.89
N GLN A 296 6.40 -7.28 8.82
CA GLN A 296 6.09 -6.03 9.51
C GLN A 296 4.84 -5.41 8.98
N THR A 297 4.46 -5.63 7.71
CA THR A 297 3.26 -5.02 7.14
C THR A 297 2.03 -5.94 7.15
N ALA A 298 2.14 -7.14 7.75
CA ALA A 298 1.01 -8.07 7.79
C ALA A 298 0.04 -7.74 8.90
N GLY A 299 -1.23 -8.07 8.68
CA GLY A 299 -2.27 -7.79 9.65
C GLY A 299 -2.81 -6.37 9.51
N GLY A 300 -3.79 -6.05 10.34
CA GLY A 300 -4.40 -4.72 10.33
C GLY A 300 -4.06 -3.86 11.52
N GLY A 301 -2.97 -4.18 12.22
CA GLY A 301 -2.56 -3.39 13.36
C GLY A 301 -1.94 -2.05 12.99
N HIS A 302 -1.77 -1.16 13.96
CA HIS A 302 -1.24 0.19 13.73
C HIS A 302 0.17 0.22 13.13
N ALA A 303 1.11 -0.62 13.66
CA ALA A 303 2.49 -0.61 13.19
C ALA A 303 2.57 -1.06 11.74
N ALA A 304 1.83 -2.13 11.39
CA ALA A 304 1.82 -2.62 10.01
C ALA A 304 1.20 -1.58 9.05
N GLN A 305 0.09 -0.96 9.44
CA GLN A 305 -0.57 0.04 8.62
C GLN A 305 0.36 1.24 8.40
N PHE A 306 1.05 1.68 9.45
CA PHE A 306 1.97 2.82 9.36
C PHE A 306 3.13 2.55 8.37
N LEU A 307 3.80 1.39 8.50
CA LEU A 307 4.91 1.07 7.60
C LEU A 307 4.44 0.90 6.16
N GLN A 308 3.25 0.30 5.94
CA GLN A 308 2.73 0.22 4.57
C GLN A 308 2.43 1.65 4.04
N ASP A 309 1.78 2.48 4.85
CA ASP A 309 1.49 3.87 4.46
C ASP A 309 2.76 4.66 4.10
N MET A 310 3.86 4.43 4.86
CA MET A 310 5.11 5.14 4.60
C MET A 310 5.73 4.80 3.26
N ARG A 311 5.32 3.65 2.63
CA ARG A 311 5.84 3.32 1.31
C ARG A 311 5.44 4.34 0.24
N ARG A 312 4.26 4.96 0.35
CA ARG A 312 3.86 6.01 -0.61
C ARG A 312 4.61 7.36 -0.41
N TYR A 313 5.45 7.45 0.64
CA TYR A 313 6.30 8.60 0.91
C TYR A 313 7.78 8.33 0.50
N MET A 314 8.03 7.15 -0.14
CA MET A 314 9.34 6.80 -0.66
C MET A 314 9.37 7.12 -2.15
N PRO A 315 10.55 7.33 -2.74
CA PRO A 315 10.63 7.52 -4.20
C PRO A 315 10.03 6.30 -4.93
N PRO A 316 9.34 6.56 -6.06
CA PRO A 316 8.60 5.50 -6.74
C PRO A 316 9.38 4.23 -7.09
N ALA A 317 10.63 4.37 -7.55
CA ALA A 317 11.44 3.20 -7.88
C ALA A 317 11.75 2.35 -6.62
N HIS A 318 11.90 3.02 -5.48
CA HIS A 318 12.21 2.35 -4.21
C HIS A 318 11.01 1.65 -3.64
N ARG A 319 9.83 2.23 -3.80
CA ARG A 319 8.56 1.64 -3.46
C ARG A 319 8.36 0.37 -4.35
N ASN A 320 8.72 0.46 -5.64
CA ASN A 320 8.61 -0.64 -6.61
C ASN A 320 9.57 -1.78 -6.23
N PHE A 321 10.78 -1.44 -5.77
CA PHE A 321 11.78 -2.42 -5.34
C PHE A 321 11.22 -3.23 -4.19
N LEU A 322 10.56 -2.58 -3.22
CA LEU A 322 9.99 -3.30 -2.10
C LEU A 322 8.87 -4.27 -2.49
N CYS A 323 7.88 -3.82 -3.31
CA CYS A 323 6.83 -4.77 -3.65
C CYS A 323 7.36 -5.88 -4.63
N SER A 324 8.44 -5.62 -5.36
CA SER A 324 9.12 -6.61 -6.18
C SER A 324 9.78 -7.68 -5.27
N LEU A 325 10.46 -7.25 -4.18
CA LEU A 325 11.04 -8.19 -3.20
C LEU A 325 9.93 -9.08 -2.60
N GLU A 326 8.76 -8.51 -2.30
CA GLU A 326 7.64 -9.25 -1.74
C GLU A 326 7.08 -10.30 -2.68
N SER A 327 7.25 -10.11 -4.01
CA SER A 327 6.78 -11.03 -5.04
C SER A 327 7.72 -12.25 -5.23
N ASN A 328 8.95 -12.16 -4.71
CA ASN A 328 9.93 -13.23 -4.79
C ASN A 328 9.66 -14.32 -3.76
N PRO A 329 10.19 -15.55 -3.97
CA PRO A 329 9.96 -16.62 -2.98
C PRO A 329 10.48 -16.25 -1.62
N SER A 330 9.85 -16.81 -0.60
CA SER A 330 10.21 -16.53 0.78
C SER A 330 11.54 -17.19 1.20
N VAL A 331 12.48 -16.35 1.66
CA VAL A 331 13.76 -16.81 2.19
C VAL A 331 13.51 -17.54 3.53
N ARG A 332 12.63 -16.97 4.37
CA ARG A 332 12.27 -17.56 5.65
C ARG A 332 11.66 -18.97 5.45
N GLU A 333 10.69 -19.11 4.54
CA GLU A 333 10.06 -20.41 4.29
C GLU A 333 11.07 -21.42 3.75
N PHE A 334 11.97 -20.98 2.86
CA PHE A 334 13.02 -21.84 2.34
C PHE A 334 13.90 -22.40 3.47
N VAL A 335 14.38 -21.52 4.37
CA VAL A 335 15.25 -21.93 5.49
C VAL A 335 14.49 -22.79 6.51
N LEU A 336 13.25 -22.41 6.83
CA LEU A 336 12.43 -23.17 7.79
C LEU A 336 12.19 -24.62 7.36
N SER A 337 12.15 -24.86 6.05
CA SER A 337 11.83 -26.19 5.54
C SER A 337 13.05 -27.10 5.31
N LYS A 338 14.27 -26.64 5.65
CA LYS A 338 15.47 -27.40 5.31
C LYS A 338 16.08 -28.30 6.39
N GLY A 339 15.75 -28.18 7.68
CA GLY A 339 16.36 -29.02 8.73
C GLY A 339 17.89 -28.95 8.72
N ASP A 340 18.41 -27.74 8.56
CA ASP A 340 19.83 -27.49 8.38
C ASP A 340 20.25 -26.46 9.40
N ALA A 341 20.93 -26.90 10.46
CA ALA A 341 21.34 -26.01 11.54
C ALA A 341 22.24 -24.86 11.09
N GLY A 342 23.19 -25.12 10.20
CA GLY A 342 24.05 -24.08 9.67
C GLY A 342 23.27 -22.98 8.95
N LEU A 343 22.30 -23.37 8.13
CA LEU A 343 21.48 -22.41 7.36
C LEU A 343 20.54 -21.61 8.27
N ARG A 344 19.96 -22.28 9.30
CA ARG A 344 19.08 -21.64 10.27
C ARG A 344 19.85 -20.63 11.09
N GLU A 345 21.11 -20.97 11.47
CA GLU A 345 21.92 -20.05 12.25
C GLU A 345 22.30 -18.82 11.46
N ALA A 346 22.59 -18.97 10.16
CA ALA A 346 22.96 -17.83 9.31
C ALA A 346 21.74 -16.91 9.13
N TYR A 347 20.53 -17.48 8.96
CA TYR A 347 19.29 -16.71 8.86
C TYR A 347 19.06 -15.95 10.17
N ASP A 348 19.23 -16.65 11.32
CA ASP A 348 19.06 -16.03 12.62
C ASP A 348 20.08 -14.96 12.90
N ALA A 349 21.29 -15.05 12.34
CA ALA A 349 22.31 -14.03 12.54
C ALA A 349 21.80 -12.69 11.92
N CYS A 350 21.05 -12.77 10.78
CA CYS A 350 20.46 -11.62 10.11
C CYS A 350 19.37 -11.02 10.95
N VAL A 351 18.44 -11.86 11.44
CA VAL A 351 17.31 -11.42 12.27
C VAL A 351 17.83 -10.83 13.57
N LYS A 352 18.86 -11.48 14.18
CA LYS A 352 19.49 -11.00 15.40
C LYS A 352 20.09 -9.63 15.21
N ALA A 353 20.79 -9.40 14.08
CA ALA A 353 21.38 -8.09 13.81
C ALA A 353 20.28 -7.00 13.74
N LEU A 354 19.11 -7.31 13.19
CA LEU A 354 17.99 -6.34 13.17
C LEU A 354 17.42 -6.14 14.57
N VAL A 355 17.31 -7.21 15.37
CA VAL A 355 16.84 -7.09 16.78
C VAL A 355 17.83 -6.19 17.55
N SER A 356 19.14 -6.40 17.36
CA SER A 356 20.15 -5.61 18.06
C SER A 356 20.02 -4.13 17.69
N LEU A 357 19.85 -3.82 16.38
CA LEU A 357 19.67 -2.45 15.91
C LEU A 357 18.45 -1.83 16.58
N ARG A 358 17.33 -2.55 16.58
CA ARG A 358 16.08 -2.01 17.14
C ARG A 358 16.12 -1.82 18.66
N SER A 359 16.82 -2.71 19.35
CA SER A 359 16.99 -2.64 20.81
C SER A 359 17.86 -1.41 21.14
N TYR A 360 18.95 -1.18 20.35
CA TYR A 360 19.81 -0.03 20.59
C TYR A 360 19.02 1.28 20.28
N HIS A 361 18.25 1.25 19.19
CA HIS A 361 17.43 2.40 18.78
C HIS A 361 16.38 2.71 19.87
N LEU A 362 15.79 1.70 20.54
CA LEU A 362 14.89 1.98 21.69
C LEU A 362 15.61 2.76 22.81
N GLN A 363 16.88 2.40 23.11
CA GLN A 363 17.66 3.16 24.11
C GLN A 363 17.91 4.60 23.65
N ILE A 364 18.19 4.78 22.35
CA ILE A 364 18.40 6.11 21.78
C ILE A 364 17.14 6.97 21.92
N VAL A 365 15.98 6.39 21.62
CA VAL A 365 14.71 7.10 21.72
C VAL A 365 14.40 7.47 23.17
N THR A 366 14.76 6.59 24.13
CA THR A 366 14.58 6.89 25.55
C THR A 366 15.45 8.11 25.92
N LYS A 367 16.70 8.16 25.45
CA LYS A 367 17.58 9.30 25.73
C LYS A 367 17.13 10.63 25.05
N TYR A 368 16.75 10.57 23.78
CA TYR A 368 16.51 11.77 23.00
C TYR A 368 15.10 12.27 23.03
N ILE A 369 14.13 11.41 23.35
CA ILE A 369 12.73 11.80 23.39
C ILE A 369 12.08 11.60 24.77
N LEU A 370 12.05 10.37 25.30
CA LEU A 370 11.33 10.09 26.55
C LEU A 370 11.81 10.91 27.76
N ILE A 371 13.11 10.94 28.02
CA ILE A 371 13.65 11.67 29.15
C ILE A 371 13.45 13.18 28.98
N PRO A 372 13.82 13.81 27.84
CA PRO A 372 13.50 15.24 27.66
C PRO A 372 11.99 15.53 27.76
N ALA A 373 11.11 14.65 27.24
CA ALA A 373 9.67 14.85 27.34
C ALA A 373 9.22 14.82 28.81
N SER A 374 9.84 13.95 29.63
CA SER A 374 9.51 13.85 31.06
C SER A 374 9.91 15.12 31.84
N GLN A 375 10.89 15.87 31.34
CA GLN A 375 11.36 17.10 31.96
C GLN A 375 10.72 18.36 31.35
N GLN A 376 9.79 18.23 30.37
CA GLN A 376 9.15 19.34 29.69
C GLN A 376 8.17 20.04 30.62
N ALA A 391 4.53 9.97 24.46
CA ALA A 391 5.18 10.62 23.32
C ALA A 391 4.53 10.15 22.03
N LYS A 392 3.99 11.08 21.22
CA LYS A 392 3.33 10.69 19.98
C LYS A 392 4.28 10.76 18.78
N GLY A 393 4.24 9.74 17.92
CA GLY A 393 5.10 9.73 16.74
C GLY A 393 4.40 10.28 15.51
N THR A 394 5.06 10.13 14.32
CA THR A 394 4.57 10.56 13.00
C THR A 394 3.18 9.99 12.62
N GLY A 395 2.85 8.83 13.15
CA GLY A 395 1.56 8.19 12.87
C GLY A 395 0.42 8.65 13.78
N GLY A 396 0.69 9.60 14.67
CA GLY A 396 -0.30 10.12 15.60
C GLY A 396 -0.53 9.27 16.84
N THR A 397 0.15 8.09 16.93
CA THR A 397 0.03 7.16 18.06
C THR A 397 1.37 7.02 18.81
N ASP A 398 1.33 6.47 20.05
CA ASP A 398 2.51 6.30 20.90
C ASP A 398 3.71 5.69 20.17
N LEU A 399 4.81 6.45 20.11
CA LEU A 399 5.98 5.99 19.37
C LEU A 399 6.69 4.84 20.06
N MET A 400 6.69 4.76 21.43
CA MET A 400 7.34 3.63 22.11
C MET A 400 6.64 2.32 21.82
N ASN A 401 5.31 2.33 21.81
CA ASN A 401 4.48 1.18 21.48
C ASN A 401 4.74 0.72 20.06
N PHE A 402 4.81 1.68 19.11
CA PHE A 402 5.14 1.37 17.71
C PHE A 402 6.51 0.67 17.64
N LEU A 403 7.55 1.29 18.19
CA LEU A 403 8.90 0.76 18.14
C LEU A 403 9.05 -0.62 18.78
N LYS A 404 8.40 -0.83 19.96
CA LYS A 404 8.44 -2.10 20.66
C LYS A 404 7.70 -3.17 19.90
N THR A 405 6.61 -2.82 19.20
CA THR A 405 5.88 -3.75 18.36
C THR A 405 6.76 -4.19 17.18
N VAL A 406 7.42 -3.24 16.51
CA VAL A 406 8.33 -3.54 15.40
C VAL A 406 9.50 -4.43 15.88
N ARG A 407 10.08 -4.09 17.02
CA ARG A 407 11.16 -4.93 17.59
C ARG A 407 10.67 -6.35 17.94
N SER A 408 9.51 -6.46 18.60
CA SER A 408 8.92 -7.73 19.02
C SER A 408 8.62 -8.62 17.80
N THR A 409 8.05 -8.04 16.70
CA THR A 409 7.79 -8.80 15.48
C THR A 409 9.11 -9.37 14.91
N THR A 410 10.20 -8.58 15.00
CA THR A 410 11.51 -9.03 14.53
C THR A 410 12.04 -10.16 15.43
N GLU A 411 12.02 -9.97 16.78
CA GLU A 411 12.52 -11.00 17.73
C GLU A 411 11.76 -12.31 17.55
N LYS A 412 10.45 -12.23 17.31
CA LYS A 412 9.62 -13.42 17.13
C LYS A 412 9.84 -14.17 15.83
N SER A 413 10.62 -13.58 14.89
CA SER A 413 10.99 -14.25 13.65
C SER A 413 12.23 -15.14 13.79
N LEU A 414 12.90 -15.13 14.95
CA LEU A 414 14.05 -16.00 15.19
C LEU A 414 13.58 -17.46 15.15
N LEU A 415 14.34 -18.30 14.48
CA LEU A 415 13.99 -19.71 14.36
C LEU A 415 14.35 -20.47 15.65
N LYS A 416 15.34 -19.99 16.43
CA LYS A 416 15.77 -20.66 17.64
C LYS A 416 15.82 -19.74 18.87
N GLU A 417 16.83 -18.82 18.98
CA GLU A 417 17.09 -17.95 20.16
C GLU A 417 15.84 -17.53 20.92
N GLY A 418 15.73 -18.02 22.15
CA GLY A 418 14.60 -17.70 22.99
C GLY A 418 14.90 -18.06 24.44
N ILE B 26 2.43 -12.60 -20.33
CA ILE B 26 2.12 -12.59 -18.89
C ILE B 26 2.42 -13.95 -18.29
N SER B 27 3.41 -14.00 -17.41
CA SER B 27 3.86 -15.20 -16.73
C SER B 27 2.72 -15.95 -16.04
N LYS B 28 2.77 -17.28 -16.10
CA LYS B 28 1.80 -18.15 -15.45
C LYS B 28 1.83 -18.00 -13.91
N GLU B 29 2.93 -17.49 -13.34
CA GLU B 29 3.00 -17.29 -11.89
C GLU B 29 2.09 -16.13 -11.38
N TYR B 30 1.46 -15.38 -12.29
CA TYR B 30 0.50 -14.34 -11.92
C TYR B 30 -0.92 -14.88 -11.79
N HIS B 31 -1.17 -16.11 -12.27
CA HIS B 31 -2.46 -16.76 -12.16
C HIS B 31 -3.57 -15.97 -12.77
N ILE B 32 -3.34 -15.51 -14.00
CA ILE B 32 -4.33 -14.83 -14.81
C ILE B 32 -4.70 -15.81 -15.91
N ASP B 33 -5.95 -16.23 -15.93
CA ASP B 33 -6.45 -17.18 -16.90
C ASP B 33 -6.70 -16.51 -18.24
N GLU B 34 -6.43 -17.23 -19.35
CA GLU B 34 -6.66 -16.66 -20.68
C GLU B 34 -8.12 -16.35 -20.93
N GLU B 35 -9.02 -17.16 -20.36
CA GLU B 35 -10.45 -16.99 -20.58
C GLU B 35 -11.15 -16.14 -19.54
N VAL B 36 -10.89 -16.39 -18.24
CA VAL B 36 -11.62 -15.67 -17.19
C VAL B 36 -10.77 -14.62 -16.40
N GLY B 37 -9.54 -14.36 -16.85
CA GLY B 37 -8.67 -13.35 -16.24
C GLY B 37 -8.33 -13.59 -14.78
N PHE B 38 -8.67 -12.63 -13.91
CA PHE B 38 -8.39 -12.80 -12.47
C PHE B 38 -9.35 -13.76 -11.75
N ALA B 39 -10.49 -14.12 -12.38
CA ALA B 39 -11.41 -15.08 -11.78
C ALA B 39 -10.73 -16.46 -11.67
N LEU B 40 -11.19 -17.28 -10.71
CA LEU B 40 -10.64 -18.62 -10.56
C LEU B 40 -11.27 -19.50 -11.66
N PRO B 41 -10.43 -20.09 -12.53
CA PRO B 41 -10.99 -20.93 -13.61
C PRO B 41 -11.61 -22.20 -13.04
N ASN B 42 -12.77 -22.64 -13.56
N ASN B 42 -12.78 -22.62 -13.55
CA ASN B 42 -13.48 -23.86 -13.13
CA ASN B 42 -13.53 -23.82 -13.13
C ASN B 42 -13.40 -24.12 -11.61
C ASN B 42 -13.42 -24.12 -11.63
N PRO B 43 -14.01 -23.26 -10.79
CA PRO B 43 -13.90 -23.46 -9.33
C PRO B 43 -14.41 -24.83 -8.87
N GLN B 44 -13.75 -25.40 -7.84
CA GLN B 44 -14.16 -26.67 -7.24
C GLN B 44 -15.53 -26.47 -6.57
N GLU B 45 -16.42 -27.45 -6.68
CA GLU B 45 -17.75 -27.36 -6.11
CA GLU B 45 -17.75 -27.34 -6.09
C GLU B 45 -17.90 -28.20 -4.83
N ASN B 46 -17.16 -29.32 -4.75
CA ASN B 46 -17.24 -30.19 -3.57
C ASN B 46 -15.91 -30.30 -2.84
N LEU B 47 -15.96 -30.38 -1.51
CA LEU B 47 -14.75 -30.55 -0.70
C LEU B 47 -14.58 -32.06 -0.41
N PRO B 48 -13.41 -32.55 0.05
CA PRO B 48 -13.32 -33.96 0.48
C PRO B 48 -14.39 -34.29 1.56
N ASP B 49 -14.80 -35.57 1.68
CA ASP B 49 -15.83 -36.00 2.64
C ASP B 49 -15.54 -35.60 4.07
N PHE B 50 -14.26 -35.47 4.42
CA PHE B 50 -13.83 -35.06 5.76
C PHE B 50 -14.50 -33.73 6.21
N TYR B 51 -14.80 -32.86 5.25
CA TYR B 51 -15.36 -31.53 5.50
C TYR B 51 -16.88 -31.45 5.31
N ASN B 52 -17.58 -32.59 5.20
CA ASN B 52 -19.04 -32.58 5.01
C ASN B 52 -19.80 -31.71 6.03
N ASP B 53 -19.33 -31.62 7.27
CA ASP B 53 -20.01 -30.81 8.30
C ASP B 53 -19.95 -29.31 7.97
N TRP B 54 -18.85 -28.86 7.34
CA TRP B 54 -18.72 -27.48 6.88
C TRP B 54 -19.67 -27.27 5.71
N MET B 55 -19.61 -28.19 4.74
CA MET B 55 -20.39 -28.10 3.51
C MET B 55 -21.88 -28.10 3.72
N PHE B 56 -22.38 -28.93 4.68
CA PHE B 56 -23.82 -28.94 4.95
C PHE B 56 -24.27 -27.55 5.42
N ILE B 57 -23.54 -26.94 6.35
CA ILE B 57 -23.91 -25.61 6.84
C ILE B 57 -23.88 -24.56 5.71
N ALA B 58 -22.75 -24.48 4.97
CA ALA B 58 -22.60 -23.51 3.88
C ALA B 58 -23.66 -23.64 2.80
N LYS B 59 -24.04 -24.86 2.44
CA LYS B 59 -25.08 -25.10 1.44
C LYS B 59 -26.51 -24.84 1.93
N HIS B 60 -26.73 -24.68 3.24
CA HIS B 60 -28.09 -24.47 3.75
C HIS B 60 -28.23 -23.15 4.54
N LEU B 61 -27.41 -22.11 4.19
CA LEU B 61 -27.49 -20.85 4.93
C LEU B 61 -28.87 -20.23 4.91
N PRO B 62 -29.60 -20.15 3.76
CA PRO B 62 -30.93 -19.56 3.80
C PRO B 62 -31.87 -20.20 4.85
N ASP B 63 -31.91 -21.54 4.93
CA ASP B 63 -32.78 -22.24 5.88
C ASP B 63 -32.28 -22.14 7.28
N LEU B 64 -30.97 -22.35 7.51
CA LEU B 64 -30.42 -22.32 8.84
C LEU B 64 -30.47 -20.93 9.48
N ILE B 65 -30.26 -19.88 8.67
CA ILE B 65 -30.33 -18.52 9.19
C ILE B 65 -31.79 -18.20 9.55
N GLU B 66 -32.73 -18.38 8.60
CA GLU B 66 -34.14 -18.05 8.80
C GLU B 66 -34.72 -18.76 10.03
N SER B 67 -34.33 -20.01 10.24
CA SER B 67 -34.83 -20.82 11.35
C SER B 67 -34.13 -20.61 12.66
N GLY B 68 -33.04 -19.83 12.70
CA GLY B 68 -32.31 -19.60 13.93
C GLY B 68 -31.46 -20.77 14.37
N GLN B 69 -31.17 -21.70 13.46
CA GLN B 69 -30.34 -22.86 13.80
C GLN B 69 -28.88 -22.69 13.42
N LEU B 70 -28.55 -21.70 12.58
CA LEU B 70 -27.19 -21.52 12.09
C LEU B 70 -26.15 -21.40 13.20
N ARG B 71 -26.34 -20.51 14.17
CA ARG B 71 -25.36 -20.31 15.23
C ARG B 71 -25.10 -21.58 16.05
N GLU B 72 -26.18 -22.31 16.38
CA GLU B 72 -26.09 -23.57 17.13
C GLU B 72 -25.35 -24.62 16.32
N ARG B 73 -25.64 -24.77 15.02
CA ARG B 73 -24.94 -25.73 14.17
C ARG B 73 -23.46 -25.40 14.05
N VAL B 74 -23.11 -24.09 14.02
CA VAL B 74 -21.71 -23.70 13.95
C VAL B 74 -21.02 -24.03 15.29
N GLU B 75 -21.70 -23.75 16.41
CA GLU B 75 -21.18 -24.02 17.75
C GLU B 75 -21.01 -25.53 18.03
N LYS B 76 -21.75 -26.38 17.32
CA LYS B 76 -21.65 -27.84 17.47
C LYS B 76 -20.49 -28.45 16.70
N LEU B 77 -19.95 -27.75 15.69
CA LEU B 77 -18.86 -28.28 14.86
C LEU B 77 -17.67 -28.75 15.64
N ASN B 78 -17.03 -29.84 15.21
CA ASN B 78 -15.75 -30.27 15.78
C ASN B 78 -14.65 -29.52 15.01
N MET B 79 -13.47 -29.30 15.62
CA MET B 79 -12.39 -28.60 14.94
C MET B 79 -11.81 -29.49 13.89
N LEU B 80 -11.95 -29.12 12.62
CA LEU B 80 -11.43 -29.92 11.52
C LEU B 80 -10.10 -29.37 11.04
N SER B 81 -9.11 -30.24 10.90
CA SER B 81 -7.78 -29.86 10.43
C SER B 81 -7.84 -29.43 8.97
N ILE B 82 -7.03 -28.46 8.57
CA ILE B 82 -6.98 -28.04 7.17
C ILE B 82 -6.01 -28.87 6.31
N ASP B 83 -5.29 -29.86 6.90
CA ASP B 83 -4.31 -30.67 6.19
C ASP B 83 -4.88 -31.49 5.03
N HIS B 84 -6.19 -31.75 5.04
CA HIS B 84 -6.83 -32.52 3.98
C HIS B 84 -7.25 -31.67 2.76
N LEU B 85 -6.93 -30.35 2.76
CA LEU B 85 -7.18 -29.48 1.61
C LEU B 85 -5.81 -29.37 0.91
N THR B 86 -5.57 -30.27 -0.05
CA THR B 86 -4.26 -30.50 -0.65
C THR B 86 -3.92 -29.74 -1.93
N ASP B 87 -4.88 -29.03 -2.52
CA ASP B 87 -4.61 -28.23 -3.71
C ASP B 87 -5.25 -26.85 -3.60
N HIS B 88 -4.78 -25.90 -4.42
CA HIS B 88 -5.28 -24.52 -4.42
C HIS B 88 -6.81 -24.38 -4.55
N LYS B 89 -7.45 -25.11 -5.47
CA LYS B 89 -8.88 -25.01 -5.67
C LYS B 89 -9.71 -25.48 -4.47
N SER B 90 -9.24 -26.52 -3.76
CA SER B 90 -9.95 -26.98 -2.58
C SER B 90 -9.74 -25.99 -1.43
N GLN B 91 -8.56 -25.34 -1.35
CA GLN B 91 -8.31 -24.34 -0.31
C GLN B 91 -9.16 -23.07 -0.57
N ARG B 92 -9.35 -22.69 -1.86
CA ARG B 92 -10.17 -21.54 -2.24
C ARG B 92 -11.65 -21.83 -1.96
N LEU B 93 -12.12 -23.05 -2.26
CA LEU B 93 -13.51 -23.44 -1.97
C LEU B 93 -13.73 -23.44 -0.45
N ALA B 94 -12.76 -23.95 0.31
CA ALA B 94 -12.90 -23.98 1.77
C ALA B 94 -12.94 -22.56 2.35
N ARG B 95 -12.19 -21.63 1.76
CA ARG B 95 -12.21 -20.23 2.21
C ARG B 95 -13.61 -19.65 1.96
N LEU B 96 -14.22 -19.98 0.82
CA LEU B 96 -15.53 -19.47 0.45
C LEU B 96 -16.58 -20.05 1.42
N VAL B 97 -16.48 -21.35 1.72
CA VAL B 97 -17.36 -22.05 2.67
C VAL B 97 -17.23 -21.41 4.06
N LEU B 98 -16.01 -21.33 4.63
CA LEU B 98 -15.79 -20.77 5.95
C LEU B 98 -16.15 -19.30 6.04
N GLY B 99 -15.87 -18.57 4.97
CA GLY B 99 -16.18 -17.14 4.92
C GLY B 99 -17.66 -16.88 4.94
N CYS B 100 -18.46 -17.63 4.15
CA CYS B 100 -19.91 -17.48 4.11
C CYS B 100 -20.51 -17.86 5.48
N ILE B 101 -19.99 -18.92 6.10
CA ILE B 101 -20.46 -19.35 7.42
C ILE B 101 -20.17 -18.26 8.45
N THR B 102 -18.96 -17.65 8.39
CA THR B 102 -18.57 -16.58 9.30
C THR B 102 -19.51 -15.38 9.21
N MET B 103 -19.86 -14.92 7.95
CA MET B 103 -20.78 -13.79 7.78
C MET B 103 -22.12 -14.10 8.40
N ALA B 104 -22.66 -15.31 8.13
CA ALA B 104 -23.94 -15.73 8.65
C ALA B 104 -23.88 -15.83 10.19
N TYR B 105 -22.80 -16.31 10.75
CA TYR B 105 -22.66 -16.44 12.19
C TYR B 105 -22.62 -15.07 12.86
N VAL B 106 -21.77 -14.16 12.35
CA VAL B 106 -21.63 -12.84 12.95
C VAL B 106 -22.93 -12.02 12.86
N TRP B 107 -23.54 -11.97 11.67
CA TRP B 107 -24.70 -11.11 11.44
C TRP B 107 -26.05 -11.76 11.79
N GLY B 108 -26.11 -13.08 11.76
CA GLY B 108 -27.35 -13.82 12.03
C GLY B 108 -28.40 -13.48 11.00
N LYS B 109 -29.60 -13.12 11.46
CA LYS B 109 -30.70 -12.70 10.60
C LYS B 109 -30.58 -11.24 10.13
N GLY B 110 -29.53 -10.53 10.57
CA GLY B 110 -29.27 -9.16 10.18
C GLY B 110 -30.17 -8.11 10.75
N HIS B 111 -30.62 -8.31 12.00
CA HIS B 111 -31.47 -7.34 12.65
C HIS B 111 -30.86 -6.77 13.93
N GLY B 112 -29.54 -6.65 13.96
CA GLY B 112 -28.85 -6.04 15.09
C GLY B 112 -28.30 -6.97 16.16
N ASP B 113 -28.69 -8.25 16.17
CA ASP B 113 -28.18 -9.17 17.18
C ASP B 113 -26.92 -9.81 16.61
N VAL B 114 -25.77 -9.22 16.92
CA VAL B 114 -24.48 -9.62 16.38
C VAL B 114 -23.61 -10.44 17.34
N ARG B 115 -22.89 -11.44 16.80
CA ARG B 115 -21.96 -12.25 17.55
C ARG B 115 -20.60 -11.60 17.45
N LYS B 116 -19.99 -11.32 18.60
CA LYS B 116 -18.66 -10.71 18.68
C LYS B 116 -17.52 -11.73 18.82
N VAL B 117 -17.83 -13.02 18.96
CA VAL B 117 -16.80 -14.05 19.11
C VAL B 117 -17.07 -15.15 18.08
N LEU B 118 -16.08 -15.48 17.27
CA LEU B 118 -16.20 -16.57 16.30
C LEU B 118 -15.66 -17.83 17.01
N PRO B 119 -16.47 -18.89 17.15
CA PRO B 119 -16.00 -20.08 17.90
C PRO B 119 -14.72 -20.70 17.35
N ARG B 120 -13.86 -21.19 18.25
CA ARG B 120 -12.57 -21.78 17.91
C ARG B 120 -12.62 -22.88 16.89
N ASN B 121 -13.68 -23.69 16.91
CA ASN B 121 -13.78 -24.82 16.01
C ASN B 121 -13.86 -24.36 14.54
N ILE B 122 -14.28 -23.10 14.25
CA ILE B 122 -14.21 -22.57 12.88
C ILE B 122 -13.12 -21.51 12.76
N ALA B 123 -12.95 -20.65 13.77
CA ALA B 123 -11.95 -19.58 13.74
C ALA B 123 -10.54 -20.09 13.51
N VAL B 124 -10.16 -21.18 14.19
CA VAL B 124 -8.82 -21.72 14.06
C VAL B 124 -8.54 -22.23 12.62
N PRO B 125 -9.34 -23.16 12.04
CA PRO B 125 -9.04 -23.58 10.66
C PRO B 125 -9.18 -22.45 9.63
N TYR B 126 -10.11 -21.51 9.89
CA TYR B 126 -10.30 -20.37 8.99
C TYR B 126 -9.05 -19.49 8.99
N CYS B 127 -8.56 -19.12 10.18
CA CYS B 127 -7.35 -18.32 10.28
C CYS B 127 -6.13 -19.05 9.72
N GLN B 128 -6.02 -20.37 9.95
CA GLN B 128 -4.89 -21.16 9.44
C GLN B 128 -4.91 -21.18 7.91
N LEU B 129 -6.07 -21.45 7.32
CA LEU B 129 -6.24 -21.48 5.86
C LEU B 129 -5.98 -20.08 5.25
N SER B 130 -6.46 -19.04 5.93
CA SER B 130 -6.27 -17.67 5.49
C SER B 130 -4.78 -17.32 5.49
N LYS B 131 -4.05 -17.70 6.56
CA LYS B 131 -2.60 -17.45 6.63
C LYS B 131 -1.88 -18.14 5.47
N LYS B 132 -2.26 -19.38 5.19
CA LYS B 132 -1.71 -20.19 4.12
C LYS B 132 -1.88 -19.50 2.75
N LEU B 133 -3.08 -18.97 2.47
CA LEU B 133 -3.36 -18.30 1.21
C LEU B 133 -3.00 -16.80 1.18
N GLU B 134 -2.44 -16.27 2.27
CA GLU B 134 -2.06 -14.86 2.44
C GLU B 134 -3.25 -13.93 2.21
N LEU B 135 -4.39 -14.30 2.76
CA LEU B 135 -5.62 -13.53 2.68
C LEU B 135 -6.15 -13.38 4.11
N PRO B 136 -6.84 -12.26 4.39
CA PRO B 136 -7.40 -12.08 5.74
C PRO B 136 -8.55 -13.04 6.01
N PRO B 137 -8.80 -13.34 7.32
CA PRO B 137 -9.92 -14.24 7.68
C PRO B 137 -11.29 -13.56 7.66
N ILE B 138 -11.69 -13.15 6.46
CA ILE B 138 -13.00 -12.55 6.18
C ILE B 138 -13.28 -12.81 4.70
N LEU B 139 -14.56 -12.91 4.34
CA LEU B 139 -14.98 -13.12 2.96
C LEU B 139 -14.49 -11.93 2.09
N VAL B 140 -13.71 -12.23 1.05
CA VAL B 140 -13.22 -11.19 0.13
C VAL B 140 -13.89 -11.36 -1.26
N TYR B 141 -13.73 -10.37 -2.15
CA TYR B 141 -14.21 -10.40 -3.54
C TYR B 141 -13.70 -11.67 -4.25
N ALA B 142 -12.43 -12.08 -4.02
CA ALA B 142 -11.89 -13.29 -4.64
C ALA B 142 -12.60 -14.57 -4.19
N ASP B 143 -13.26 -14.54 -3.02
CA ASP B 143 -14.05 -15.67 -2.58
C ASP B 143 -15.44 -15.62 -3.18
N CYS B 144 -16.26 -14.59 -2.80
CA CYS B 144 -17.68 -14.62 -3.15
C CYS B 144 -18.00 -14.20 -4.55
N VAL B 145 -17.02 -13.71 -5.32
CA VAL B 145 -17.28 -13.42 -6.73
C VAL B 145 -16.39 -14.33 -7.61
N LEU B 146 -15.07 -14.23 -7.45
CA LEU B 146 -14.15 -14.94 -8.33
C LEU B 146 -14.13 -16.46 -8.21
N ALA B 147 -14.43 -17.02 -7.03
CA ALA B 147 -14.41 -18.48 -6.86
C ALA B 147 -15.83 -19.07 -6.61
N ASN B 148 -16.87 -18.24 -6.63
CA ASN B 148 -18.24 -18.62 -6.28
C ASN B 148 -19.12 -18.79 -7.50
N TRP B 149 -18.67 -19.63 -8.43
CA TRP B 149 -19.42 -19.84 -9.66
C TRP B 149 -19.19 -21.21 -10.28
N LYS B 150 -20.08 -21.58 -11.21
CA LYS B 150 -20.02 -22.81 -11.99
C LYS B 150 -20.77 -22.63 -13.30
N LYS B 151 -20.47 -23.49 -14.27
CA LYS B 151 -21.23 -23.55 -15.50
C LYS B 151 -22.32 -24.62 -15.24
N LYS B 152 -23.53 -24.40 -15.71
CA LYS B 152 -24.59 -25.41 -15.61
C LYS B 152 -24.23 -26.53 -16.60
N ASP B 153 -23.83 -26.16 -17.83
CA ASP B 153 -23.43 -27.07 -18.89
C ASP B 153 -22.01 -26.69 -19.36
N PRO B 154 -21.02 -27.57 -19.11
CA PRO B 154 -19.63 -27.28 -19.52
C PRO B 154 -19.40 -27.07 -21.02
N ASN B 155 -20.28 -27.62 -21.85
CA ASN B 155 -20.15 -27.46 -23.31
C ASN B 155 -20.75 -26.15 -23.84
N LYS B 156 -21.36 -25.34 -22.96
CA LYS B 156 -21.96 -24.07 -23.34
C LYS B 156 -21.11 -22.89 -22.81
N PRO B 157 -21.19 -21.72 -23.45
CA PRO B 157 -20.34 -20.60 -23.06
C PRO B 157 -20.58 -19.96 -21.67
N LEU B 158 -19.70 -19.00 -21.31
CA LEU B 158 -19.80 -18.28 -20.06
C LEU B 158 -20.79 -17.16 -20.20
N THR B 159 -22.08 -17.47 -20.13
CA THR B 159 -23.16 -16.49 -20.17
C THR B 159 -23.96 -16.64 -18.88
N TYR B 160 -24.76 -15.63 -18.52
CA TYR B 160 -25.59 -15.68 -17.32
C TYR B 160 -26.51 -16.89 -17.30
N GLU B 161 -27.13 -17.17 -18.45
CA GLU B 161 -28.06 -18.30 -18.63
C GLU B 161 -27.42 -19.63 -18.31
N ASN B 162 -26.13 -19.78 -18.64
CA ASN B 162 -25.43 -21.03 -18.39
C ASN B 162 -24.60 -21.00 -17.10
N MET B 163 -24.90 -20.07 -16.16
CA MET B 163 -24.10 -20.00 -14.95
C MET B 163 -24.92 -19.97 -13.67
N ASP B 164 -24.26 -20.30 -12.55
CA ASP B 164 -24.86 -20.19 -11.24
C ASP B 164 -23.78 -19.93 -10.18
N VAL B 165 -24.19 -19.44 -9.01
CA VAL B 165 -23.27 -19.25 -7.90
C VAL B 165 -23.25 -20.55 -7.10
N LEU B 166 -22.24 -20.73 -6.25
CA LEU B 166 -22.16 -21.90 -5.40
C LEU B 166 -22.92 -21.66 -4.09
N PHE B 167 -22.83 -20.44 -3.50
CA PHE B 167 -23.47 -20.16 -2.21
C PHE B 167 -24.20 -18.81 -2.19
N SER B 168 -25.35 -18.80 -1.49
CA SER B 168 -26.17 -17.63 -1.23
C SER B 168 -26.38 -17.52 0.30
N PHE B 169 -26.87 -16.36 0.78
CA PHE B 169 -27.07 -16.18 2.20
C PHE B 169 -28.55 -16.39 2.60
N ARG B 170 -29.47 -15.77 1.87
CA ARG B 170 -30.91 -15.85 2.19
C ARG B 170 -31.69 -16.00 0.90
N ASP B 171 -32.90 -16.57 1.02
CA ASP B 171 -33.75 -16.70 -0.17
CA ASP B 171 -33.84 -16.72 -0.09
C ASP B 171 -34.22 -15.31 -0.59
N GLY B 172 -34.15 -15.05 -1.88
CA GLY B 172 -34.50 -13.74 -2.43
C GLY B 172 -33.47 -12.64 -2.17
N ASP B 173 -32.22 -13.00 -1.83
CA ASP B 173 -31.17 -11.99 -1.60
C ASP B 173 -30.55 -11.42 -2.89
N CYS B 174 -30.86 -11.99 -4.07
CA CYS B 174 -30.26 -11.56 -5.35
C CYS B 174 -28.73 -11.74 -5.40
N SER B 175 -28.18 -12.63 -4.54
CA SER B 175 -26.75 -12.88 -4.54
C SER B 175 -26.31 -13.49 -5.85
N LYS B 176 -27.17 -14.31 -6.52
CA LYS B 176 -26.80 -14.88 -7.80
C LYS B 176 -26.58 -13.76 -8.84
N GLY B 177 -27.56 -12.87 -8.99
CA GLY B 177 -27.48 -11.77 -9.93
C GLY B 177 -26.33 -10.81 -9.63
N PHE B 178 -26.13 -10.46 -8.35
CA PHE B 178 -25.07 -9.51 -7.99
C PHE B 178 -23.66 -10.10 -8.20
N PHE B 179 -23.42 -11.32 -7.68
CA PHE B 179 -22.12 -11.95 -7.81
C PHE B 179 -21.81 -12.29 -9.26
N LEU B 180 -22.80 -12.87 -9.97
CA LEU B 180 -22.62 -13.27 -11.36
C LEU B 180 -22.42 -12.11 -12.34
N VAL B 181 -23.17 -11.01 -12.22
CA VAL B 181 -23.00 -9.87 -13.12
C VAL B 181 -21.62 -9.19 -12.85
N SER B 182 -21.19 -9.15 -11.58
CA SER B 182 -19.86 -8.65 -11.21
C SER B 182 -18.80 -9.55 -11.90
N LEU B 183 -18.98 -10.87 -11.82
CA LEU B 183 -18.06 -11.83 -12.40
C LEU B 183 -18.04 -11.66 -13.93
N LEU B 184 -19.20 -11.50 -14.57
CA LEU B 184 -19.26 -11.34 -16.02
C LEU B 184 -18.55 -10.08 -16.52
N VAL B 185 -18.69 -8.97 -15.81
CA VAL B 185 -17.99 -7.72 -16.15
C VAL B 185 -16.49 -7.94 -15.97
N GLU B 186 -16.11 -8.56 -14.86
CA GLU B 186 -14.73 -8.89 -14.52
C GLU B 186 -14.08 -9.72 -15.66
N ILE B 187 -14.82 -10.71 -16.20
CA ILE B 187 -14.37 -11.54 -17.31
C ILE B 187 -14.28 -10.72 -18.63
N ALA B 188 -15.28 -9.86 -18.91
CA ALA B 188 -15.27 -9.04 -20.12
C ALA B 188 -14.05 -8.06 -20.12
N ALA B 189 -13.77 -7.44 -18.97
CA ALA B 189 -12.63 -6.51 -18.88
C ALA B 189 -11.31 -7.24 -19.02
N ALA B 190 -11.25 -8.51 -18.55
CA ALA B 190 -10.06 -9.35 -18.66
C ALA B 190 -9.64 -9.61 -20.11
N SER B 191 -10.54 -9.45 -21.11
CA SER B 191 -10.13 -9.65 -22.51
C SER B 191 -9.06 -8.62 -22.96
N ALA B 192 -8.91 -7.49 -22.24
CA ALA B 192 -7.92 -6.48 -22.52
C ALA B 192 -6.56 -6.81 -21.87
N ILE B 193 -6.51 -7.70 -20.87
CA ILE B 193 -5.27 -8.04 -20.17
C ILE B 193 -4.21 -8.59 -21.11
N LYS B 194 -4.60 -9.46 -22.04
CA LYS B 194 -3.68 -10.05 -23.01
C LYS B 194 -3.00 -9.00 -23.92
N VAL B 195 -3.58 -7.80 -24.00
CA VAL B 195 -3.02 -6.70 -24.80
C VAL B 195 -1.89 -5.97 -24.03
N ILE B 196 -1.84 -6.10 -22.69
CA ILE B 196 -0.84 -5.42 -21.88
C ILE B 196 0.61 -5.70 -22.33
N PRO B 197 1.04 -6.95 -22.57
CA PRO B 197 2.44 -7.16 -23.02
C PRO B 197 2.70 -6.51 -24.38
N THR B 198 1.69 -6.42 -25.25
CA THR B 198 1.81 -5.75 -26.55
C THR B 198 2.07 -4.25 -26.33
N VAL B 199 1.37 -3.63 -25.37
CA VAL B 199 1.56 -2.22 -25.03
C VAL B 199 3.00 -1.94 -24.60
N PHE B 200 3.52 -2.67 -23.59
CA PHE B 200 4.88 -2.44 -23.11
C PHE B 200 5.98 -2.77 -24.11
N LYS B 201 5.76 -3.79 -24.94
CA LYS B 201 6.71 -4.18 -25.96
C LYS B 201 6.74 -3.12 -27.07
N ALA B 202 5.56 -2.61 -27.49
CA ALA B 202 5.49 -1.56 -28.50
C ALA B 202 6.19 -0.30 -28.01
N MET B 203 6.09 0.03 -26.71
CA MET B 203 6.79 1.19 -26.16
C MET B 203 8.30 0.99 -26.20
N GLN B 204 8.80 -0.17 -25.73
CA GLN B 204 10.23 -0.45 -25.70
C GLN B 204 10.85 -0.47 -27.09
N MET B 205 10.16 -1.08 -28.05
CA MET B 205 10.61 -1.17 -29.43
C MET B 205 10.24 0.06 -30.27
N GLN B 206 9.66 1.12 -29.65
CA GLN B 206 9.21 2.33 -30.30
C GLN B 206 8.34 2.04 -31.53
N GLU B 207 7.35 1.15 -31.39
CA GLU B 207 6.46 0.78 -32.46
C GLU B 207 5.15 1.54 -32.29
N ARG B 208 5.09 2.76 -32.87
CA ARG B 208 3.96 3.66 -32.76
C ARG B 208 2.63 3.07 -33.25
N ASP B 209 2.63 2.46 -34.44
CA ASP B 209 1.40 1.93 -34.99
C ASP B 209 0.89 0.75 -34.17
N THR B 210 1.80 -0.11 -33.67
CA THR B 210 1.44 -1.27 -32.84
C THR B 210 0.82 -0.77 -31.52
N LEU B 211 1.43 0.26 -30.89
CA LEU B 211 0.93 0.85 -29.66
C LEU B 211 -0.45 1.44 -29.86
N LEU B 212 -0.66 2.16 -30.95
CA LEU B 212 -1.96 2.80 -31.22
C LEU B 212 -3.04 1.74 -31.38
N LYS B 213 -2.73 0.69 -32.11
CA LYS B 213 -3.67 -0.41 -32.37
C LYS B 213 -4.01 -1.12 -31.03
N ALA B 214 -2.98 -1.33 -30.17
CA ALA B 214 -3.16 -1.97 -28.86
C ALA B 214 -4.06 -1.15 -27.95
N LEU B 215 -3.86 0.18 -27.88
CA LEU B 215 -4.71 1.07 -27.08
C LEU B 215 -6.17 1.07 -27.58
N LEU B 216 -6.39 1.06 -28.91
CA LEU B 216 -7.76 0.99 -29.44
C LEU B 216 -8.43 -0.38 -29.12
N GLU B 217 -7.65 -1.45 -29.03
CA GLU B 217 -8.16 -2.76 -28.70
C GLU B 217 -8.57 -2.80 -27.21
N ILE B 218 -7.78 -2.16 -26.33
CA ILE B 218 -8.11 -2.06 -24.91
C ILE B 218 -9.38 -1.22 -24.75
N ALA B 219 -9.50 -0.11 -25.49
CA ALA B 219 -10.69 0.73 -25.45
C ALA B 219 -11.94 -0.08 -25.87
N SER B 220 -11.80 -0.90 -26.92
CA SER B 220 -12.88 -1.77 -27.41
C SER B 220 -13.36 -2.75 -26.31
N CYS B 221 -12.42 -3.36 -25.58
CA CYS B 221 -12.72 -4.29 -24.50
C CYS B 221 -13.50 -3.62 -23.37
N LEU B 222 -13.05 -2.42 -22.97
CA LEU B 222 -13.70 -1.64 -21.93
C LEU B 222 -15.09 -1.17 -22.34
N GLU B 223 -15.27 -0.85 -23.65
CA GLU B 223 -16.57 -0.49 -24.21
C GLU B 223 -17.52 -1.71 -24.15
N LYS B 224 -17.01 -2.91 -24.46
CA LYS B 224 -17.82 -4.14 -24.38
C LYS B 224 -18.20 -4.47 -22.91
N ALA B 225 -17.28 -4.23 -21.95
CA ALA B 225 -17.58 -4.48 -20.53
C ALA B 225 -18.80 -3.67 -20.04
N LEU B 226 -19.03 -2.46 -20.63
CA LEU B 226 -20.16 -1.61 -20.25
C LEU B 226 -21.48 -2.27 -20.66
N GLN B 227 -21.51 -2.88 -21.86
CA GLN B 227 -22.73 -3.55 -22.31
C GLN B 227 -23.07 -4.72 -21.38
N VAL B 228 -22.04 -5.47 -20.93
CA VAL B 228 -22.20 -6.57 -19.98
C VAL B 228 -22.85 -6.10 -18.67
N PHE B 229 -22.47 -4.92 -18.20
CA PHE B 229 -23.00 -4.30 -17.00
C PHE B 229 -24.54 -4.12 -17.00
N HIS B 230 -25.13 -3.85 -18.19
CA HIS B 230 -26.57 -3.58 -18.29
C HIS B 230 -27.43 -4.71 -17.72
N GLN B 231 -26.91 -5.95 -17.71
CA GLN B 231 -27.59 -7.13 -17.16
C GLN B 231 -27.95 -7.02 -15.67
N ILE B 232 -27.32 -6.12 -14.93
CA ILE B 232 -27.60 -5.95 -13.50
C ILE B 232 -29.11 -5.73 -13.21
N HIS B 233 -29.81 -4.96 -14.08
CA HIS B 233 -31.22 -4.61 -13.85
C HIS B 233 -32.17 -5.78 -13.89
N ASP B 234 -31.84 -6.79 -14.72
CA ASP B 234 -32.68 -7.96 -14.88
C ASP B 234 -32.54 -8.98 -13.76
N HIS B 235 -31.43 -8.93 -12.99
CA HIS B 235 -31.17 -9.97 -12.01
C HIS B 235 -31.05 -9.52 -10.57
N VAL B 236 -31.16 -8.21 -10.31
CA VAL B 236 -31.08 -7.71 -8.93
C VAL B 236 -32.19 -6.71 -8.76
N ASN B 237 -32.89 -6.75 -7.61
CA ASN B 237 -33.88 -5.69 -7.36
C ASN B 237 -33.41 -4.87 -6.17
N PRO B 238 -33.64 -3.54 -6.21
CA PRO B 238 -33.14 -2.67 -5.12
C PRO B 238 -33.58 -3.04 -3.71
N LYS B 239 -34.87 -3.41 -3.54
CA LYS B 239 -35.36 -3.72 -2.20
C LYS B 239 -34.63 -4.91 -1.59
N ALA B 240 -34.48 -6.00 -2.34
CA ALA B 240 -33.79 -7.18 -1.86
C ALA B 240 -32.31 -6.89 -1.64
N PHE B 241 -31.66 -6.22 -2.60
CA PHE B 241 -30.24 -5.91 -2.46
C PHE B 241 -29.95 -5.13 -1.18
N PHE B 242 -30.65 -3.99 -0.99
CA PHE B 242 -30.40 -3.14 0.16
C PHE B 242 -30.91 -3.72 1.50
N SER B 243 -32.12 -4.30 1.53
CA SER B 243 -32.67 -4.78 2.82
C SER B 243 -32.20 -6.19 3.19
N VAL B 244 -31.80 -7.02 2.21
CA VAL B 244 -31.37 -8.39 2.51
C VAL B 244 -29.85 -8.64 2.29
N LEU B 245 -29.35 -8.57 1.04
CA LEU B 245 -27.96 -8.87 0.74
C LEU B 245 -26.94 -8.05 1.46
N ARG B 246 -27.16 -6.73 1.53
CA ARG B 246 -26.26 -5.76 2.15
C ARG B 246 -25.66 -6.22 3.48
N ILE B 247 -26.51 -6.75 4.38
CA ILE B 247 -26.14 -7.24 5.72
C ILE B 247 -24.92 -8.17 5.65
N TYR B 248 -24.98 -9.15 4.75
CA TYR B 248 -23.95 -10.19 4.67
C TYR B 248 -22.67 -9.75 3.94
N LEU B 249 -22.71 -8.61 3.25
CA LEU B 249 -21.52 -8.08 2.59
C LEU B 249 -20.64 -7.31 3.62
N SER B 250 -21.20 -6.92 4.80
CA SER B 250 -20.52 -6.09 5.79
C SER B 250 -19.38 -6.75 6.52
N GLY B 251 -18.34 -6.00 6.80
CA GLY B 251 -17.23 -6.49 7.59
C GLY B 251 -17.16 -5.84 8.95
N TRP B 252 -15.97 -5.87 9.56
CA TRP B 252 -15.80 -5.35 10.91
C TRP B 252 -14.57 -4.47 11.03
N LYS B 253 -14.51 -3.39 10.26
CA LYS B 253 -13.43 -2.42 10.36
C LYS B 253 -14.11 -1.08 10.24
N GLY B 254 -14.10 -0.31 11.32
CA GLY B 254 -14.82 0.96 11.37
C GLY B 254 -16.32 0.75 11.40
N ASN B 255 -16.78 -0.43 11.86
CA ASN B 255 -18.20 -0.75 11.88
C ASN B 255 -18.73 -0.50 13.28
N PRO B 256 -19.69 0.40 13.46
CA PRO B 256 -20.22 0.67 14.81
C PRO B 256 -20.86 -0.55 15.49
N GLN B 257 -21.32 -1.54 14.71
CA GLN B 257 -21.90 -2.76 15.26
C GLN B 257 -20.84 -3.69 15.91
N LEU B 258 -19.58 -3.58 15.48
CA LEU B 258 -18.45 -4.34 16.04
C LEU B 258 -17.25 -3.37 16.06
N SER B 259 -17.35 -2.30 16.86
CA SER B 259 -16.35 -1.24 16.92
C SER B 259 -14.91 -1.69 17.19
N ASP B 260 -14.70 -2.82 17.88
CA ASP B 260 -13.32 -3.31 18.13
C ASP B 260 -12.90 -4.47 17.22
N GLY B 261 -13.81 -4.95 16.38
CA GLY B 261 -13.53 -6.08 15.52
C GLY B 261 -14.12 -7.36 16.05
N LEU B 262 -13.64 -8.48 15.52
CA LEU B 262 -14.16 -9.80 15.86
C LEU B 262 -13.12 -10.62 16.58
N VAL B 263 -13.53 -11.40 17.58
CA VAL B 263 -12.60 -12.29 18.28
C VAL B 263 -12.53 -13.60 17.51
N TYR B 264 -11.35 -14.00 17.03
CA TYR B 264 -11.16 -15.28 16.36
C TYR B 264 -10.65 -16.21 17.47
N GLU B 265 -11.59 -16.78 18.23
CA GLU B 265 -11.30 -17.59 19.41
C GLU B 265 -10.29 -18.69 19.16
N GLY B 266 -9.27 -18.77 19.98
CA GLY B 266 -8.25 -19.81 19.83
C GLY B 266 -7.13 -19.47 18.87
N PHE B 267 -7.27 -18.36 18.11
CA PHE B 267 -6.21 -17.94 17.20
C PHE B 267 -5.53 -16.66 17.69
N TRP B 268 -6.31 -15.63 18.05
CA TRP B 268 -5.78 -14.38 18.57
C TRP B 268 -6.52 -14.05 19.87
N GLU B 269 -5.85 -13.43 20.83
CA GLU B 269 -6.49 -13.10 22.11
C GLU B 269 -7.44 -11.90 21.97
N ASP B 270 -6.99 -10.84 21.29
CA ASP B 270 -7.76 -9.60 21.13
C ASP B 270 -8.60 -9.57 19.85
N PRO B 271 -9.71 -8.80 19.82
CA PRO B 271 -10.50 -8.72 18.60
C PRO B 271 -9.71 -8.04 17.47
N LYS B 272 -9.95 -8.47 16.22
CA LYS B 272 -9.24 -7.94 15.06
C LYS B 272 -10.23 -7.34 14.06
N GLU B 273 -9.84 -6.24 13.44
CA GLU B 273 -10.67 -5.58 12.46
C GLU B 273 -10.24 -5.93 11.06
N PHE B 274 -11.22 -6.32 10.20
CA PHE B 274 -10.97 -6.57 8.79
C PHE B 274 -12.11 -5.95 7.98
N ALA B 275 -11.78 -5.32 6.84
CA ALA B 275 -12.81 -4.73 6.01
C ALA B 275 -13.64 -5.80 5.32
N GLY B 276 -14.93 -5.53 5.06
CA GLY B 276 -15.79 -6.46 4.33
C GLY B 276 -15.40 -6.54 2.87
N GLY B 277 -15.96 -7.51 2.15
CA GLY B 277 -15.65 -7.71 0.75
C GLY B 277 -15.99 -6.50 -0.08
N SER B 278 -15.16 -6.19 -1.08
CA SER B 278 -15.38 -4.99 -1.87
C SER B 278 -14.90 -5.17 -3.27
N ALA B 279 -15.60 -4.56 -4.26
CA ALA B 279 -15.09 -4.57 -5.63
C ALA B 279 -13.85 -3.64 -5.73
N GLY B 280 -13.50 -2.87 -4.70
CA GLY B 280 -12.20 -2.19 -4.63
C GLY B 280 -11.08 -3.23 -4.57
N GLN B 281 -11.42 -4.53 -4.29
CA GLN B 281 -10.49 -5.67 -4.32
C GLN B 281 -10.38 -6.27 -5.70
N SER B 282 -11.14 -5.77 -6.71
CA SER B 282 -11.02 -6.30 -8.06
C SER B 282 -9.67 -5.85 -8.61
N SER B 283 -8.87 -6.80 -9.07
CA SER B 283 -7.56 -6.51 -9.63
C SER B 283 -7.67 -6.02 -11.07
N VAL B 284 -8.74 -6.38 -11.82
CA VAL B 284 -8.84 -5.96 -13.23
C VAL B 284 -9.06 -4.44 -13.32
N PHE B 285 -9.92 -3.87 -12.46
CA PHE B 285 -10.13 -2.42 -12.51
C PHE B 285 -8.91 -1.66 -12.01
N GLN B 286 -8.25 -2.15 -10.93
CA GLN B 286 -7.02 -1.49 -10.46
C GLN B 286 -5.92 -1.57 -11.55
N CYS B 287 -5.91 -2.68 -12.30
CA CYS B 287 -4.96 -2.94 -13.33
CA CYS B 287 -4.96 -2.92 -13.38
C CYS B 287 -5.03 -1.91 -14.49
N PHE B 288 -6.24 -1.56 -14.97
CA PHE B 288 -6.33 -0.58 -16.05
C PHE B 288 -6.05 0.85 -15.54
N ASP B 289 -6.33 1.16 -14.26
CA ASP B 289 -5.93 2.45 -13.71
C ASP B 289 -4.40 2.53 -13.65
N VAL B 290 -3.72 1.44 -13.26
CA VAL B 290 -2.24 1.44 -13.20
C VAL B 290 -1.69 1.56 -14.65
N LEU B 291 -2.17 0.71 -15.57
CA LEU B 291 -1.74 0.71 -16.95
C LEU B 291 -1.83 2.12 -17.60
N LEU B 292 -2.95 2.81 -17.41
CA LEU B 292 -3.16 4.12 -18.02
C LEU B 292 -2.62 5.30 -17.20
N GLY B 293 -1.89 5.03 -16.11
CA GLY B 293 -1.29 6.09 -15.29
C GLY B 293 -2.28 6.96 -14.56
N ILE B 294 -3.50 6.43 -14.34
CA ILE B 294 -4.55 7.10 -13.60
C ILE B 294 -4.12 6.76 -12.19
N GLN B 295 -3.49 7.71 -11.53
CA GLN B 295 -2.89 7.46 -10.23
C GLN B 295 -3.95 7.44 -9.12
N GLN B 296 -4.76 6.38 -9.11
CA GLN B 296 -5.84 6.28 -8.12
C GLN B 296 -5.35 6.18 -6.70
N THR B 297 -4.14 5.62 -6.51
CA THR B 297 -3.58 5.44 -5.17
C THR B 297 -2.65 6.60 -4.74
N ALA B 298 -2.50 7.64 -5.57
CA ALA B 298 -1.63 8.76 -5.23
C ALA B 298 -2.34 9.77 -4.32
N GLY B 299 -1.55 10.49 -3.54
CA GLY B 299 -2.08 11.46 -2.61
C GLY B 299 -2.45 10.79 -1.29
N GLY B 300 -2.91 11.60 -0.38
CA GLY B 300 -3.29 11.10 0.94
C GLY B 300 -4.78 11.09 1.20
N GLY B 301 -5.58 11.18 0.13
CA GLY B 301 -7.03 11.15 0.28
C GLY B 301 -7.59 9.80 0.68
N HIS B 302 -8.86 9.80 1.12
CA HIS B 302 -9.54 8.58 1.54
C HIS B 302 -9.69 7.53 0.41
N ALA B 303 -10.04 7.96 -0.81
CA ALA B 303 -10.21 6.99 -1.92
C ALA B 303 -8.89 6.28 -2.28
N ALA B 304 -7.78 7.04 -2.34
CA ALA B 304 -6.48 6.46 -2.60
C ALA B 304 -6.08 5.49 -1.47
N GLN B 305 -6.31 5.88 -0.21
CA GLN B 305 -5.98 5.02 0.95
C GLN B 305 -6.77 3.70 0.89
N PHE B 306 -8.07 3.80 0.59
CA PHE B 306 -8.94 2.62 0.52
C PHE B 306 -8.50 1.65 -0.57
N LEU B 307 -8.25 2.13 -1.81
CA LEU B 307 -7.81 1.25 -2.91
C LEU B 307 -6.46 0.61 -2.64
N GLN B 308 -5.53 1.38 -2.02
CA GLN B 308 -4.24 0.77 -1.68
C GLN B 308 -4.45 -0.31 -0.59
N ASP B 309 -5.25 0.00 0.44
CA ASP B 309 -5.55 -0.98 1.49
C ASP B 309 -6.20 -2.27 0.93
N MET B 310 -7.08 -2.13 -0.08
CA MET B 310 -7.75 -3.30 -0.66
C MET B 310 -6.81 -4.24 -1.40
N ARG B 311 -5.59 -3.79 -1.75
CA ARG B 311 -4.63 -4.68 -2.41
C ARG B 311 -4.21 -5.86 -1.53
N ARG B 312 -4.14 -5.66 -0.21
CA ARG B 312 -3.81 -6.73 0.72
C ARG B 312 -4.96 -7.76 0.90
N TYR B 313 -6.13 -7.49 0.32
CA TYR B 313 -7.30 -8.38 0.33
C TYR B 313 -7.44 -9.15 -1.01
N MET B 314 -6.45 -8.98 -1.92
CA MET B 314 -6.38 -9.67 -3.20
C MET B 314 -5.48 -10.87 -3.06
N PRO B 315 -5.68 -11.92 -3.87
CA PRO B 315 -4.73 -13.05 -3.85
C PRO B 315 -3.28 -12.57 -4.12
N PRO B 316 -2.30 -13.16 -3.43
CA PRO B 316 -0.92 -12.68 -3.53
C PRO B 316 -0.37 -12.59 -4.95
N ALA B 317 -0.66 -13.56 -5.84
CA ALA B 317 -0.17 -13.50 -7.22
C ALA B 317 -0.73 -12.27 -7.98
N HIS B 318 -1.98 -11.89 -7.67
CA HIS B 318 -2.66 -10.74 -8.29
C HIS B 318 -2.13 -9.42 -7.76
N ARG B 319 -1.85 -9.37 -6.48
CA ARG B 319 -1.20 -8.24 -5.82
C ARG B 319 0.22 -8.07 -6.47
N ASN B 320 0.93 -9.19 -6.75
CA ASN B 320 2.27 -9.19 -7.37
C ASN B 320 2.18 -8.65 -8.82
N PHE B 321 1.12 -9.02 -9.54
CA PHE B 321 0.88 -8.57 -10.89
C PHE B 321 0.72 -7.04 -10.90
N LEU B 322 -0.05 -6.49 -9.95
CA LEU B 322 -0.20 -5.03 -9.84
C LEU B 322 1.15 -4.33 -9.60
N CYS B 323 1.98 -4.84 -8.66
CA CYS B 323 3.34 -4.32 -8.38
C CYS B 323 4.16 -4.28 -9.67
N SER B 324 4.12 -5.37 -10.41
CA SER B 324 4.85 -5.59 -11.62
C SER B 324 4.44 -4.58 -12.71
N LEU B 325 3.13 -4.34 -12.86
CA LEU B 325 2.62 -3.33 -13.79
C LEU B 325 3.12 -1.95 -13.40
N GLU B 326 3.12 -1.64 -12.10
CA GLU B 326 3.57 -0.35 -11.57
C GLU B 326 5.05 -0.12 -11.78
N SER B 327 5.84 -1.18 -11.91
CA SER B 327 7.29 -1.11 -12.13
C SER B 327 7.66 -0.82 -13.58
N ASN B 328 6.70 -0.99 -14.51
CA ASN B 328 6.92 -0.73 -15.91
C ASN B 328 6.82 0.75 -16.20
N PRO B 329 7.44 1.21 -17.31
CA PRO B 329 7.32 2.63 -17.65
C PRO B 329 5.88 3.08 -17.85
N SER B 330 5.63 4.35 -17.61
CA SER B 330 4.30 4.92 -17.71
C SER B 330 3.83 5.03 -19.19
N VAL B 331 2.67 4.43 -19.48
CA VAL B 331 2.04 4.51 -20.81
C VAL B 331 1.59 5.96 -21.02
N ARG B 332 0.98 6.58 -20.00
CA ARG B 332 0.49 7.95 -20.05
C ARG B 332 1.67 8.92 -20.38
N GLU B 333 2.79 8.79 -19.67
CA GLU B 333 3.94 9.65 -19.89
C GLU B 333 4.54 9.43 -21.27
N PHE B 334 4.57 8.18 -21.76
CA PHE B 334 5.06 7.87 -23.09
C PHE B 334 4.21 8.59 -24.16
N VAL B 335 2.87 8.48 -24.06
CA VAL B 335 1.96 9.11 -25.01
C VAL B 335 2.03 10.64 -24.95
N LEU B 336 2.05 11.19 -23.74
CA LEU B 336 2.13 12.63 -23.53
C LEU B 336 3.39 13.25 -24.15
N SER B 337 4.49 12.50 -24.19
CA SER B 337 5.75 13.02 -24.69
C SER B 337 5.99 12.87 -26.19
N LYS B 338 5.04 12.31 -26.94
CA LYS B 338 5.26 12.03 -28.37
C LYS B 338 4.73 13.06 -29.39
N GLY B 339 3.92 14.03 -28.99
CA GLY B 339 3.35 15.02 -29.90
C GLY B 339 2.59 14.37 -31.05
N ASP B 340 1.83 13.32 -30.71
CA ASP B 340 1.14 12.49 -31.69
C ASP B 340 -0.34 12.43 -31.37
N ALA B 341 -1.15 13.16 -32.13
CA ALA B 341 -2.59 13.26 -31.93
C ALA B 341 -3.30 11.90 -32.06
N GLY B 342 -2.90 11.06 -33.02
CA GLY B 342 -3.49 9.73 -33.15
C GLY B 342 -3.28 8.87 -31.90
N LEU B 343 -2.06 8.90 -31.34
CA LEU B 343 -1.72 8.14 -30.15
C LEU B 343 -2.43 8.69 -28.91
N ARG B 344 -2.56 10.03 -28.79
CA ARG B 344 -3.29 10.64 -27.68
C ARG B 344 -4.77 10.27 -27.76
N GLU B 345 -5.35 10.24 -28.97
CA GLU B 345 -6.77 9.91 -29.12
C GLU B 345 -7.06 8.48 -28.72
N ALA B 346 -6.17 7.55 -29.07
CA ALA B 346 -6.32 6.14 -28.72
C ALA B 346 -6.21 5.96 -27.19
N TYR B 347 -5.30 6.71 -26.54
CA TYR B 347 -5.14 6.67 -25.09
C TYR B 347 -6.42 7.24 -24.43
N ASP B 348 -6.92 8.36 -24.96
CA ASP B 348 -8.13 8.98 -24.44
C ASP B 348 -9.36 8.10 -24.64
N ALA B 349 -9.38 7.25 -25.68
CA ALA B 349 -10.51 6.35 -25.89
C ALA B 349 -10.58 5.34 -24.72
N CYS B 350 -9.41 4.92 -24.19
CA CYS B 350 -9.31 4.00 -23.06
C CYS B 350 -9.84 4.69 -21.80
N VAL B 351 -9.35 5.89 -21.51
CA VAL B 351 -9.76 6.68 -20.36
C VAL B 351 -11.27 6.98 -20.42
N LYS B 352 -11.75 7.40 -21.61
CA LYS B 352 -13.18 7.67 -21.80
C LYS B 352 -14.03 6.43 -21.50
N ALA B 353 -13.62 5.24 -21.97
CA ALA B 353 -14.33 3.99 -21.72
C ALA B 353 -14.41 3.70 -20.19
N LEU B 354 -13.35 4.00 -19.41
CA LEU B 354 -13.36 3.82 -17.95
C LEU B 354 -14.27 4.83 -17.30
N VAL B 355 -14.30 6.07 -17.80
CA VAL B 355 -15.19 7.09 -17.26
C VAL B 355 -16.65 6.64 -17.53
N SER B 356 -16.95 6.15 -18.73
CA SER B 356 -18.30 5.66 -19.05
C SER B 356 -18.75 4.53 -18.09
N LEU B 357 -17.85 3.57 -17.79
CA LEU B 357 -18.13 2.47 -16.88
C LEU B 357 -18.46 3.01 -15.50
N ARG B 358 -17.60 3.92 -14.99
CA ARG B 358 -17.77 4.50 -13.66
C ARG B 358 -19.02 5.36 -13.54
N SER B 359 -19.37 6.07 -14.63
CA SER B 359 -20.56 6.91 -14.63
C SER B 359 -21.82 6.00 -14.60
N TYR B 360 -21.81 4.90 -15.35
CA TYR B 360 -22.97 3.99 -15.37
C TYR B 360 -23.11 3.31 -13.98
N HIS B 361 -21.97 2.91 -13.40
CA HIS B 361 -21.93 2.32 -12.08
C HIS B 361 -22.48 3.30 -11.04
N LEU B 362 -22.18 4.62 -11.14
CA LEU B 362 -22.76 5.63 -10.22
C LEU B 362 -24.31 5.67 -10.30
N GLN B 363 -24.87 5.59 -11.54
CA GLN B 363 -26.32 5.55 -11.69
C GLN B 363 -26.90 4.29 -11.03
N ILE B 364 -26.21 3.13 -11.18
CA ILE B 364 -26.62 1.88 -10.58
C ILE B 364 -26.63 2.00 -9.05
N VAL B 365 -25.58 2.59 -8.48
CA VAL B 365 -25.51 2.75 -7.03
C VAL B 365 -26.62 3.70 -6.53
N THR B 366 -27.02 4.69 -7.34
CA THR B 366 -28.14 5.58 -6.95
C THR B 366 -29.44 4.75 -6.87
N LYS B 367 -29.64 3.87 -7.86
CA LYS B 367 -30.83 3.00 -7.87
C LYS B 367 -30.84 1.95 -6.74
N TYR B 368 -29.69 1.24 -6.51
CA TYR B 368 -29.64 0.09 -5.60
C TYR B 368 -29.31 0.43 -4.18
N ILE B 369 -28.66 1.57 -3.94
CA ILE B 369 -28.32 1.94 -2.58
C ILE B 369 -28.93 3.29 -2.12
N LEU B 370 -28.65 4.40 -2.82
CA LEU B 370 -29.09 5.73 -2.34
C LEU B 370 -30.62 5.85 -2.14
N ILE B 371 -31.39 5.48 -3.14
CA ILE B 371 -32.85 5.60 -3.06
C ILE B 371 -33.44 4.62 -2.02
N PRO B 372 -33.10 3.31 -2.03
CA PRO B 372 -33.57 2.42 -0.95
C PRO B 372 -33.11 2.90 0.45
N ALA B 373 -31.89 3.45 0.59
CA ALA B 373 -31.45 3.97 1.91
C ALA B 373 -32.33 5.15 2.36
N SER B 374 -32.76 5.98 1.41
CA SER B 374 -33.61 7.13 1.73
C SER B 374 -34.99 6.68 2.24
N GLN B 375 -35.45 5.48 1.83
CA GLN B 375 -36.74 4.90 2.22
C GLN B 375 -36.63 3.96 3.43
N GLN B 376 -35.42 3.78 4.03
CA GLN B 376 -35.19 2.89 5.17
C GLN B 376 -35.86 3.42 6.42
N SER B 387 -32.97 7.74 5.77
CA SER B 387 -32.11 7.89 6.94
C SER B 387 -31.29 9.17 6.83
N LYS B 388 -31.04 9.80 7.97
CA LYS B 388 -30.32 11.07 8.03
C LYS B 388 -28.81 10.94 7.84
N LEU B 389 -28.26 9.70 7.93
CA LEU B 389 -26.84 9.46 7.73
C LEU B 389 -26.59 8.95 6.30
N GLU B 390 -25.53 9.46 5.65
CA GLU B 390 -25.23 9.05 4.28
C GLU B 390 -24.77 7.59 4.20
N ALA B 391 -25.00 6.95 3.07
CA ALA B 391 -24.65 5.54 2.82
C ALA B 391 -23.15 5.34 3.01
N LYS B 392 -22.77 4.48 3.96
CA LYS B 392 -21.37 4.22 4.22
C LYS B 392 -20.89 2.97 3.51
N GLY B 393 -19.72 3.06 2.86
CA GLY B 393 -19.18 1.92 2.16
C GLY B 393 -18.26 1.08 3.03
N THR B 394 -17.56 0.12 2.40
CA THR B 394 -16.63 -0.81 3.04
C THR B 394 -15.50 -0.14 3.84
N GLY B 395 -15.12 1.05 3.43
CA GLY B 395 -14.07 1.82 4.09
C GLY B 395 -14.52 2.69 5.23
N GLY B 396 -15.81 2.60 5.59
CA GLY B 396 -16.38 3.36 6.71
C GLY B 396 -16.73 4.81 6.40
N THR B 397 -16.49 5.26 5.14
CA THR B 397 -16.79 6.62 4.70
C THR B 397 -17.83 6.59 3.54
N ASP B 398 -18.48 7.75 3.26
CA ASP B 398 -19.52 7.87 2.23
C ASP B 398 -19.14 7.25 0.90
N LEU B 399 -19.92 6.23 0.48
CA LEU B 399 -19.59 5.51 -0.73
C LEU B 399 -19.81 6.34 -1.99
N MET B 400 -20.80 7.28 -2.02
CA MET B 400 -21.02 8.08 -3.25
C MET B 400 -19.83 9.00 -3.49
N ASN B 401 -19.28 9.57 -2.41
CA ASN B 401 -18.11 10.47 -2.44
C ASN B 401 -16.91 9.69 -2.91
N PHE B 402 -16.70 8.46 -2.38
CA PHE B 402 -15.62 7.58 -2.85
C PHE B 402 -15.74 7.36 -4.37
N LEU B 403 -16.92 6.90 -4.83
CA LEU B 403 -17.10 6.61 -6.25
C LEU B 403 -16.89 7.83 -7.16
N LYS B 404 -17.39 9.00 -6.75
CA LYS B 404 -17.22 10.23 -7.52
C LYS B 404 -15.76 10.68 -7.53
N THR B 405 -15.03 10.47 -6.44
CA THR B 405 -13.59 10.75 -6.39
C THR B 405 -12.83 9.90 -7.40
N VAL B 406 -13.13 8.59 -7.41
CA VAL B 406 -12.48 7.67 -8.35
C VAL B 406 -12.84 8.05 -9.79
N ARG B 407 -14.12 8.35 -10.07
CA ARG B 407 -14.50 8.75 -11.42
C ARG B 407 -13.82 10.07 -11.85
N SER B 408 -13.77 11.07 -10.93
CA SER B 408 -13.15 12.37 -11.20
C SER B 408 -11.65 12.24 -11.51
N THR B 409 -10.94 11.39 -10.75
CA THR B 409 -9.50 11.15 -10.99
C THR B 409 -9.30 10.52 -12.40
N THR B 410 -10.24 9.64 -12.82
CA THR B 410 -10.20 9.06 -14.15
C THR B 410 -10.45 10.13 -15.22
N GLU B 411 -11.52 10.94 -15.08
CA GLU B 411 -11.84 12.01 -16.06
C GLU B 411 -10.64 13.00 -16.20
N LYS B 412 -9.99 13.32 -15.07
CA LYS B 412 -8.86 14.26 -15.09
C LYS B 412 -7.60 13.71 -15.78
N SER B 413 -7.59 12.41 -16.12
CA SER B 413 -6.48 11.82 -16.84
C SER B 413 -6.58 12.00 -18.35
N LEU B 414 -7.70 12.54 -18.86
CA LEU B 414 -7.84 12.77 -20.28
C LEU B 414 -6.76 13.79 -20.76
N LEU B 415 -6.14 13.50 -21.88
CA LEU B 415 -5.12 14.37 -22.44
C LEU B 415 -5.74 15.59 -23.13
N LYS B 416 -6.99 15.46 -23.66
CA LYS B 416 -7.68 16.59 -24.29
C LYS B 416 -9.05 16.84 -23.67
CHA HEM C . 11.79 5.04 13.79
CHB HEM C . 13.41 8.53 16.76
CHC HEM C . 17.93 7.71 15.23
CHD HEM C . 16.27 4.50 12.00
C1A HEM C . 11.82 6.11 14.71
C2A HEM C . 10.65 6.67 15.37
C3A HEM C . 11.09 7.66 16.21
C4A HEM C . 12.55 7.70 16.06
CMA HEM C . 10.29 8.59 17.08
CAA HEM C . 9.22 6.24 15.14
CBA HEM C . 8.70 6.61 13.74
CGA HEM C . 8.21 8.02 13.60
O1A HEM C . 8.50 8.73 12.66
O2A HEM C . 7.40 8.38 14.54
C1B HEM C . 14.82 8.55 16.68
C2B HEM C . 15.67 9.39 17.49
C3B HEM C . 16.96 9.15 17.04
C4B HEM C . 16.88 8.16 16.01
CMB HEM C . 15.18 10.27 18.61
CAB HEM C . 18.22 9.78 17.48
CBB HEM C . 18.38 11.05 17.93
C1C HEM C . 17.88 6.80 14.14
C2C HEM C . 19.01 6.50 13.27
C3C HEM C . 18.52 5.59 12.36
C4C HEM C . 17.15 5.34 12.68
CMC HEM C . 20.38 7.10 13.38
CAC HEM C . 19.24 5.10 11.18
CBC HEM C . 18.84 5.16 9.94
C1D HEM C . 14.89 4.27 12.28
C2D HEM C . 14.05 3.33 11.58
C3D HEM C . 12.79 3.46 12.11
C4D HEM C . 12.87 4.53 13.10
CMD HEM C . 14.48 2.48 10.43
CAD HEM C . 11.56 2.70 11.73
CBD HEM C . 11.17 1.63 12.77
CGD HEM C . 12.08 0.43 12.82
O1D HEM C . 12.45 -0.08 13.88
O2D HEM C . 12.41 -0.04 11.64
NA HEM C . 12.95 6.75 15.14
NB HEM C . 15.55 7.80 15.82
NC HEM C . 16.78 6.11 13.76
ND HEM C . 14.17 4.98 13.20
FE HEM C . 14.87 6.40 14.50
N1 A1H93 D . 10.89 12.03 15.43
N3 A1H93 D . 12.57 11.18 14.35
C4 A1H93 D . 8.97 12.10 16.95
C5 A1H93 D . 10.23 12.54 16.56
C6 A1H93 D . 11.51 11.19 13.49
C7 A1H93 D . 11.63 10.61 12.13
C8 A1H93 D . 13.05 10.59 11.56
C10 A1H93 D . 12.73 12.37 9.86
C13 A1H93 D . 15.63 10.26 10.56
C15 A1H93 D . 15.69 8.37 12.26
C17 A1H93 D . 10.42 11.70 14.18
C1 A1H93 D . 7.34 13.53 20.52
O1 A1H93 D . 8.66 13.94 20.13
C2 A1H93 D . 9.08 13.47 18.90
C3 A1H93 D . 8.38 12.57 18.11
N2 A1H93 D . 12.19 11.70 15.51
C9 A1H93 D . 13.54 11.32 10.53
C11 A1H93 D . 13.29 13.64 9.25
C12 A1H93 D . 12.77 12.57 8.35
N4 A1H93 D . 14.85 11.16 10.03
C14 A1H93 D . 15.13 9.42 11.57
N5 A1H93 D . 14.74 7.86 13.10
C16 A1H93 D . 13.67 8.64 13.02
N6 A1H93 D . 13.85 9.58 12.04
O2 A1H93 D . 11.06 9.30 12.14
C18 A1H93 D . 10.92 13.41 17.37
F1 A1H93 D . 8.23 11.31 16.15
C19 A1H93 D . 10.36 13.85 18.56
F2 A1H93 D . 11.08 14.62 19.41
S DMS E . 15.72 1.02 13.92
O DMS E . 14.88 0.66 15.10
C1 DMS E . 15.60 -0.29 12.68
C2 DMS E . 17.48 0.65 14.16
CHA HEM F . -17.27 -0.11 -6.03
CHB HEM F . -22.01 -0.90 -5.22
CHC HEM F . -22.30 -3.42 -9.34
CHD HEM F . -17.49 -2.97 -9.93
C1A HEM F . -18.54 -0.14 -5.41
C2A HEM F . -18.84 0.46 -4.12
C3A HEM F . -20.19 0.23 -3.87
C4A HEM F . -20.69 -0.50 -5.03
CMA HEM F . -20.97 0.57 -2.64
CAA HEM F . -17.86 1.19 -3.25
CBA HEM F . -16.79 0.27 -2.63
CGA HEM F . -17.23 -0.46 -1.38
O1A HEM F . -17.02 -1.65 -1.19
O2A HEM F . -17.82 0.30 -0.51
C1B HEM F . -22.54 -1.55 -6.35
C2B HEM F . -23.96 -1.87 -6.52
C3B HEM F . -24.03 -2.59 -7.70
C4B HEM F . -22.69 -2.68 -8.23
CMB HEM F . -25.05 -1.46 -5.58
CAB HEM F . -25.22 -3.22 -8.29
CBB HEM F . -26.28 -3.75 -7.62
C1C HEM F . -20.98 -3.57 -9.85
C2C HEM F . -20.62 -4.47 -10.93
C3C HEM F . -19.26 -4.36 -11.07
C4C HEM F . -18.80 -3.39 -10.11
CMC HEM F . -21.57 -5.35 -11.69
CAC HEM F . -18.40 -5.14 -11.95
CBC HEM F . -17.31 -5.84 -11.61
C1D HEM F . -17.03 -2.05 -8.96
C2D HEM F . -15.65 -1.61 -8.86
C3D HEM F . -15.58 -0.76 -7.78
C4D HEM F . -16.93 -0.74 -7.21
CMD HEM F . -14.52 -2.09 -9.73
CAD HEM F . -14.39 0.01 -7.29
CBD HEM F . -14.45 1.49 -7.62
CGD HEM F . -14.21 1.84 -9.07
O1D HEM F . -14.84 2.71 -9.66
O2D HEM F . -13.21 1.21 -9.63
NA HEM F . -19.67 -0.71 -5.95
NB HEM F . -21.82 -2.02 -7.40
NC HEM F . -19.88 -2.93 -9.36
ND HEM F . -17.78 -1.50 -7.97
FE HEM F . -19.80 -1.80 -7.66
N1 A1H93 G . -21.81 -2.84 -1.09
N3 A1H93 G . -21.26 -3.72 -2.98
C4 A1H93 G . -22.18 -1.07 0.55
C5 A1H93 G . -22.66 -2.11 -0.23
C6 A1H93 G . -20.21 -3.88 -2.12
C7 A1H93 G . -18.93 -4.50 -2.58
C8 A1H93 G . -19.07 -5.46 -3.74
C10 A1H93 G . -18.60 -7.53 -2.44
C13 A1H93 G . -19.26 -7.07 -5.98
C15 A1H93 G . -19.53 -4.82 -7.17
C17 A1H93 G . -20.53 -3.27 -0.92
C1 A1H93 G . -24.88 1.10 2.84
O1 A1H93 G . -25.39 0.16 1.89
C2 A1H93 G . -24.39 -0.57 1.26
C3 A1H93 G . -23.03 -0.32 1.32
N2 A1H93 G . -22.23 -3.09 -2.35
C9 A1H93 G . -18.91 -6.80 -3.70
C11 A1H93 G . -19.09 -8.92 -2.08
C12 A1H93 G . -17.61 -8.69 -2.33
N4 A1H93 G . -19.05 -7.61 -4.83
C14 A1H93 G . -19.35 -5.67 -6.09
N5 A1H93 G . -19.51 -3.52 -6.71
C16 A1H93 G . -19.39 -3.61 -5.40
N6 A1H93 G . -19.24 -4.89 -4.98
O2 A1H93 G . -18.00 -3.44 -2.90
C18 A1H93 G . -24.01 -2.35 -0.32
F1 A1H93 G . -20.85 -0.80 0.64
C19 A1H93 G . -24.87 -1.57 0.44
F2 A1H93 G . -26.20 -1.73 0.33
S DMS H . -15.94 3.34 0.00
O DMS H . -17.39 3.09 0.01
C1 DMS H . -15.20 1.83 0.38
C2 DMS H . -15.39 4.05 1.56
S DMS I . -16.69 0.52 -11.71
O DMS I . -17.18 1.83 -11.07
C1 DMS I . -15.06 0.79 -12.44
C2 DMS I . -17.44 0.29 -13.34
#